data_7ZOK
#
_entry.id   7ZOK
#
loop_
_entity.id
_entity.type
_entity.pdbx_description
1 polymer 'Adventurous gliding motility protein X'
2 non-polymer 'ZINC ION'
#
_entity_poly.entity_id   1
_entity_poly.type   'polypeptide(L)'
_entity_poly.pdbx_seq_one_letter_code
;MARFVCDSCRAQYMISDDKIGPKGVKVRCKKCGHTITVRPAGALEHHHHHH
;
_entity_poly.pdbx_strand_id   A
#
loop_
_chem_comp.id
_chem_comp.type
_chem_comp.name
_chem_comp.formula
ZN non-polymer 'ZINC ION' 'Zn 2'
#
# COMPACT_ATOMS: atom_id res chain seq x y z
N MET A 1 -8.77 -4.51 -4.44
CA MET A 1 -8.48 -3.17 -3.92
C MET A 1 -7.21 -3.19 -3.05
N ALA A 2 -6.08 -2.75 -3.62
CA ALA A 2 -4.75 -2.90 -3.00
C ALA A 2 -3.72 -1.85 -3.47
N ARG A 3 -4.12 -0.57 -3.53
CA ARG A 3 -3.30 0.60 -3.92
C ARG A 3 -3.47 1.71 -2.86
N PHE A 4 -2.50 2.58 -2.70
CA PHE A 4 -2.52 3.61 -1.67
C PHE A 4 -3.44 4.77 -2.11
N VAL A 5 -4.49 5.04 -1.33
CA VAL A 5 -5.43 6.19 -1.43
C VAL A 5 -5.97 6.61 -0.05
N CYS A 6 -6.79 7.66 -0.01
CA CYS A 6 -7.77 7.88 1.01
C CYS A 6 -8.80 8.86 0.41
N ASP A 7 -9.93 8.33 -0.09
CA ASP A 7 -11.07 9.15 -0.62
C ASP A 7 -11.66 10.13 0.45
N SER A 8 -11.40 9.84 1.75
CA SER A 8 -11.89 10.62 2.87
C SER A 8 -11.12 11.91 3.13
N CYS A 9 -9.88 12.12 2.66
CA CYS A 9 -9.10 13.33 2.90
C CYS A 9 -8.34 13.79 1.64
N ARG A 10 -7.57 12.88 0.98
CA ARG A 10 -6.57 13.17 -0.08
C ARG A 10 -6.89 12.62 -1.51
N ALA A 11 -7.77 11.63 -1.65
CA ALA A 11 -8.12 10.91 -2.89
C ALA A 11 -6.96 10.17 -3.59
N GLN A 12 -5.70 10.61 -3.48
CA GLN A 12 -4.53 9.85 -4.00
C GLN A 12 -3.33 9.84 -2.97
N TYR A 13 -2.58 8.77 -2.98
CA TYR A 13 -1.30 8.57 -2.31
C TYR A 13 -0.40 7.58 -3.10
N MET A 14 0.87 7.54 -2.74
CA MET A 14 1.89 6.66 -3.27
C MET A 14 3.03 6.44 -2.26
N ILE A 15 3.79 5.37 -2.51
CA ILE A 15 4.91 4.92 -1.68
C ILE A 15 6.04 4.47 -2.61
N SER A 16 7.23 4.14 -2.09
CA SER A 16 8.25 3.37 -2.84
C SER A 16 8.40 1.92 -2.34
N ASP A 17 8.99 1.09 -3.20
CA ASP A 17 9.51 -0.25 -2.93
C ASP A 17 10.41 -0.27 -1.69
N ASP A 18 11.32 0.69 -1.52
CA ASP A 18 12.21 0.78 -0.35
C ASP A 18 11.47 1.10 0.98
N LYS A 19 10.14 1.00 1.05
CA LYS A 19 9.34 0.96 2.32
C LYS A 19 8.55 -0.38 2.52
N ILE A 20 8.53 -1.28 1.50
CA ILE A 20 8.08 -2.67 1.66
C ILE A 20 9.20 -3.61 2.18
N GLY A 21 10.41 -3.52 1.63
CA GLY A 21 11.54 -4.39 1.98
C GLY A 21 11.22 -5.91 2.00
N PRO A 22 11.81 -6.67 2.93
CA PRO A 22 11.44 -8.07 3.18
C PRO A 22 10.09 -8.30 3.92
N LYS A 23 9.31 -7.26 4.27
CA LYS A 23 8.19 -7.40 5.23
C LYS A 23 6.83 -7.13 4.58
N GLY A 24 6.68 -6.09 3.74
CA GLY A 24 5.48 -5.84 2.88
C GLY A 24 4.14 -5.75 3.68
N VAL A 25 4.19 -5.22 4.92
CA VAL A 25 3.04 -5.16 5.84
C VAL A 25 1.98 -4.12 5.44
N LYS A 26 0.69 -4.41 5.72
CA LYS A 26 -0.47 -3.58 5.37
C LYS A 26 -0.53 -2.32 6.25
N VAL A 27 -0.95 -1.18 5.69
CA VAL A 27 -0.87 0.15 6.33
C VAL A 27 -2.25 0.86 6.30
N ARG A 28 -2.34 2.07 6.85
CA ARG A 28 -3.54 2.93 6.82
C ARG A 28 -3.10 4.40 6.65
N CYS A 29 -4.01 5.24 6.19
CA CYS A 29 -3.87 6.68 6.27
C CYS A 29 -3.75 7.10 7.76
N LYS A 30 -2.65 7.80 8.07
CA LYS A 30 -2.20 8.19 9.44
C LYS A 30 -3.06 9.21 10.19
N LYS A 31 -4.29 9.46 9.74
CA LYS A 31 -5.35 10.27 10.40
C LYS A 31 -6.83 9.81 10.16
N CYS A 32 -7.01 8.61 9.60
CA CYS A 32 -8.29 8.13 9.10
C CYS A 32 -8.53 6.64 9.49
N GLY A 33 -9.49 6.02 8.81
CA GLY A 33 -9.85 4.60 8.86
C GLY A 33 -9.48 3.74 7.65
N HIS A 34 -9.21 4.38 6.51
CA HIS A 34 -9.04 3.72 5.17
C HIS A 34 -7.72 2.91 5.05
N THR A 35 -7.83 1.58 4.86
CA THR A 35 -6.73 0.60 4.86
C THR A 35 -6.23 0.25 3.47
N ILE A 36 -4.91 0.28 3.34
CA ILE A 36 -4.21 0.20 2.05
C ILE A 36 -3.06 -0.78 2.10
N THR A 37 -2.82 -1.48 0.99
CA THR A 37 -1.69 -2.39 0.83
C THR A 37 -0.45 -1.61 0.42
N VAL A 38 0.69 -1.85 1.08
CA VAL A 38 1.99 -1.25 0.68
C VAL A 38 2.66 -2.09 -0.42
N ARG A 39 2.52 -1.67 -1.69
CA ARG A 39 3.08 -2.31 -2.89
C ARG A 39 3.58 -1.26 -3.90
N PRO A 40 4.67 -1.53 -4.68
CA PRO A 40 5.14 -0.67 -5.76
C PRO A 40 4.26 -0.80 -7.04
N ALA A 41 4.81 -1.23 -8.17
CA ALA A 41 4.18 -1.20 -9.52
C ALA A 41 2.96 -2.12 -9.76
N GLY A 42 2.75 -3.15 -8.90
CA GLY A 42 1.76 -4.22 -9.12
C GLY A 42 0.27 -3.95 -8.72
N ALA A 43 0.02 -3.00 -7.79
CA ALA A 43 -1.30 -2.63 -7.29
C ALA A 43 -2.10 -3.78 -6.63
N LEU A 44 -1.44 -4.86 -6.21
CA LEU A 44 -2.10 -6.05 -5.60
C LEU A 44 -1.28 -6.69 -4.46
N GLU A 45 -1.95 -7.03 -3.36
CA GLU A 45 -1.57 -8.13 -2.42
C GLU A 45 -1.71 -9.51 -3.12
N HIS A 46 -1.02 -10.54 -2.62
CA HIS A 46 -0.86 -11.84 -3.26
C HIS A 46 -1.77 -12.93 -2.62
N HIS A 47 -1.59 -14.17 -3.06
CA HIS A 47 -2.39 -15.34 -2.62
C HIS A 47 -1.59 -16.46 -1.95
N HIS A 48 -0.41 -16.85 -2.51
CA HIS A 48 0.37 -18.05 -2.11
C HIS A 48 -0.44 -19.38 -2.10
N HIS A 49 -1.45 -19.50 -3.00
CA HIS A 49 -2.32 -20.67 -3.20
C HIS A 49 -1.65 -21.80 -4.02
N HIS A 50 -2.34 -22.94 -4.04
CA HIS A 50 -1.95 -24.21 -4.66
C HIS A 50 -3.13 -24.75 -5.48
N HIS A 51 -2.84 -25.59 -6.49
CA HIS A 51 -3.80 -26.10 -7.51
C HIS A 51 -3.63 -27.56 -7.88
ZN ZN B . -7.01 10.09 5.01
N MET A 1 -7.98 -2.00 -7.46
CA MET A 1 -8.17 -2.07 -6.00
C MET A 1 -6.90 -1.75 -5.22
N ALA A 2 -5.77 -2.42 -5.47
CA ALA A 2 -4.58 -2.25 -4.63
C ALA A 2 -3.82 -0.95 -4.94
N ARG A 3 -3.91 0.07 -4.08
CA ARG A 3 -3.17 1.34 -4.12
C ARG A 3 -3.12 1.99 -2.74
N PHE A 4 -2.28 2.99 -2.51
CA PHE A 4 -2.42 3.93 -1.37
C PHE A 4 -3.32 5.10 -1.79
N VAL A 5 -4.52 5.19 -1.24
CA VAL A 5 -5.55 6.20 -1.53
C VAL A 5 -6.37 6.50 -0.27
N CYS A 6 -7.17 7.55 -0.32
CA CYS A 6 -8.22 7.78 0.66
C CYS A 6 -9.49 8.39 0.03
N ASP A 7 -10.44 7.56 -0.42
CA ASP A 7 -11.75 8.06 -0.92
C ASP A 7 -12.57 8.89 0.15
N SER A 8 -12.22 8.80 1.47
CA SER A 8 -12.86 9.54 2.54
C SER A 8 -12.36 10.99 2.56
N CYS A 9 -11.03 11.18 2.69
CA CYS A 9 -10.38 12.47 2.78
C CYS A 9 -9.49 12.96 1.56
N ARG A 10 -8.30 12.34 1.33
CA ARG A 10 -7.19 12.92 0.50
C ARG A 10 -7.13 12.44 -0.95
N ALA A 11 -7.84 11.37 -1.29
CA ALA A 11 -7.87 10.64 -2.57
C ALA A 11 -6.53 10.02 -3.06
N GLN A 12 -5.37 10.68 -2.88
CA GLN A 12 -4.10 10.22 -3.45
C GLN A 12 -2.88 10.31 -2.53
N TYR A 13 -2.17 9.18 -2.46
CA TYR A 13 -0.82 8.98 -1.90
C TYR A 13 -0.01 8.00 -2.78
N MET A 14 1.27 7.80 -2.48
CA MET A 14 2.22 6.93 -3.24
C MET A 14 3.40 6.49 -2.35
N ILE A 15 4.26 5.59 -2.83
CA ILE A 15 5.36 5.04 -2.01
C ILE A 15 6.60 4.67 -2.84
N SER A 16 7.83 4.73 -2.28
CA SER A 16 9.07 4.21 -2.90
C SER A 16 9.37 2.73 -2.53
N ASP A 17 9.98 1.97 -3.44
CA ASP A 17 10.02 0.50 -3.33
C ASP A 17 10.82 -0.07 -2.15
N ASP A 18 11.76 0.71 -1.60
CA ASP A 18 12.36 0.53 -0.27
C ASP A 18 11.36 0.18 0.83
N LYS A 19 10.25 0.90 0.90
CA LYS A 19 9.38 0.98 2.08
C LYS A 19 8.56 -0.28 2.37
N ILE A 20 8.52 -1.26 1.46
CA ILE A 20 7.98 -2.62 1.75
C ILE A 20 8.95 -3.53 2.49
N GLY A 21 10.27 -3.29 2.37
CA GLY A 21 11.32 -4.18 2.88
C GLY A 21 11.11 -5.65 2.49
N PRO A 22 11.73 -6.62 3.16
CA PRO A 22 11.49 -8.07 2.92
C PRO A 22 10.19 -8.59 3.57
N LYS A 23 9.27 -7.71 4.03
CA LYS A 23 8.18 -8.04 4.98
C LYS A 23 6.78 -7.62 4.44
N GLY A 24 6.68 -6.50 3.72
CA GLY A 24 5.50 -6.11 2.91
C GLY A 24 4.18 -6.03 3.66
N VAL A 25 4.12 -5.39 4.84
CA VAL A 25 2.92 -5.28 5.68
C VAL A 25 1.86 -4.29 5.18
N LYS A 26 0.60 -4.46 5.62
CA LYS A 26 -0.56 -3.53 5.40
C LYS A 26 -0.50 -2.30 6.30
N VAL A 27 -0.94 -1.13 5.81
CA VAL A 27 -0.81 0.19 6.48
C VAL A 27 -2.17 0.93 6.51
N ARG A 28 -2.27 2.08 7.18
CA ARG A 28 -3.55 2.84 7.36
C ARG A 28 -3.38 4.38 7.13
N CYS A 29 -4.46 5.10 6.75
CA CYS A 29 -4.44 6.54 6.68
C CYS A 29 -4.28 7.10 8.13
N LYS A 30 -3.20 7.87 8.36
CA LYS A 30 -2.69 8.12 9.74
C LYS A 30 -3.69 8.83 10.70
N LYS A 31 -4.67 9.57 10.18
CA LYS A 31 -5.62 10.38 10.97
C LYS A 31 -7.09 10.04 10.67
N CYS A 32 -7.32 8.88 10.09
CA CYS A 32 -8.51 8.52 9.37
C CYS A 32 -8.81 6.99 9.48
N GLY A 33 -9.78 6.46 8.73
CA GLY A 33 -10.24 5.09 8.91
C GLY A 33 -9.61 4.01 8.03
N HIS A 34 -9.18 4.39 6.84
CA HIS A 34 -8.89 3.47 5.71
C HIS A 34 -7.58 2.69 5.82
N THR A 35 -7.65 1.37 5.59
CA THR A 35 -6.49 0.47 5.41
C THR A 35 -6.12 0.33 3.92
N ILE A 36 -4.81 0.26 3.66
CA ILE A 36 -4.21 0.29 2.32
C ILE A 36 -3.16 -0.82 2.09
N THR A 37 -2.89 -1.15 0.82
CA THR A 37 -1.87 -2.11 0.42
C THR A 37 -0.55 -1.39 0.03
N VAL A 38 0.53 -1.70 0.74
CA VAL A 38 1.87 -1.19 0.43
C VAL A 38 2.52 -2.04 -0.67
N ARG A 39 2.65 -1.46 -1.86
CA ARG A 39 3.14 -2.09 -3.10
C ARG A 39 3.80 -1.00 -3.97
N PRO A 40 4.90 -1.31 -4.71
CA PRO A 40 5.41 -0.39 -5.71
C PRO A 40 4.57 -0.33 -6.99
N ALA A 41 4.22 -1.49 -7.57
CA ALA A 41 3.57 -1.57 -8.88
C ALA A 41 2.02 -1.40 -8.92
N GLY A 42 1.37 -1.13 -7.78
CA GLY A 42 -0.10 -0.99 -7.74
C GLY A 42 -0.89 -2.19 -8.28
N ALA A 43 -0.36 -3.41 -8.15
CA ALA A 43 -1.09 -4.66 -8.32
C ALA A 43 -1.22 -5.30 -6.94
N LEU A 44 -2.14 -6.26 -6.74
CA LEU A 44 -2.38 -6.85 -5.41
C LEU A 44 -1.14 -7.64 -4.93
N GLU A 45 -0.75 -8.62 -5.77
CA GLU A 45 0.37 -9.56 -5.57
C GLU A 45 1.05 -9.88 -6.85
N HIS A 46 2.38 -9.55 -6.94
CA HIS A 46 3.29 -9.84 -8.09
C HIS A 46 4.10 -11.11 -7.67
N HIS A 47 4.15 -11.42 -6.37
CA HIS A 47 5.00 -12.51 -5.79
C HIS A 47 3.99 -13.50 -5.34
N HIS A 48 3.95 -14.68 -5.94
CA HIS A 48 3.11 -15.82 -5.57
C HIS A 48 3.91 -16.99 -4.96
N HIS A 49 3.46 -18.26 -5.10
CA HIS A 49 4.21 -19.46 -4.60
C HIS A 49 5.30 -19.94 -5.56
N HIS A 50 4.99 -20.10 -6.85
CA HIS A 50 5.94 -20.53 -7.89
C HIS A 50 7.02 -19.45 -8.15
N HIS A 51 8.21 -19.83 -8.69
CA HIS A 51 9.32 -18.88 -8.95
C HIS A 51 9.12 -18.04 -10.23
ZN ZN B . -8.08 9.44 4.88
N MET A 1 -7.94 -4.82 -4.48
CA MET A 1 -7.86 -3.45 -3.90
C MET A 1 -6.45 -2.98 -3.54
N ALA A 2 -5.37 -3.49 -4.13
CA ALA A 2 -4.00 -3.19 -3.72
C ALA A 2 -3.49 -1.79 -4.20
N ARG A 3 -3.91 -0.70 -3.55
CA ARG A 3 -3.41 0.67 -3.85
C ARG A 3 -3.57 1.63 -2.67
N PHE A 4 -2.66 2.59 -2.46
CA PHE A 4 -2.76 3.58 -1.39
C PHE A 4 -3.70 4.73 -1.81
N VAL A 5 -4.98 4.66 -1.43
CA VAL A 5 -5.99 5.66 -1.75
C VAL A 5 -6.98 5.87 -0.58
N CYS A 6 -7.47 7.11 -0.45
CA CYS A 6 -8.49 7.54 0.48
C CYS A 6 -9.31 8.76 -0.04
N ASP A 7 -10.61 8.51 -0.33
CA ASP A 7 -11.62 9.46 -0.89
C ASP A 7 -12.00 10.57 0.18
N SER A 8 -11.70 10.31 1.47
CA SER A 8 -11.90 11.25 2.55
C SER A 8 -10.75 12.28 2.71
N CYS A 9 -9.55 11.94 2.22
CA CYS A 9 -8.32 12.71 2.42
C CYS A 9 -7.83 13.40 1.12
N ARG A 10 -7.39 12.60 0.14
CA ARG A 10 -6.54 13.07 -1.00
C ARG A 10 -6.82 12.40 -2.36
N ALA A 11 -7.59 11.32 -2.42
CA ALA A 11 -7.83 10.45 -3.59
C ALA A 11 -6.58 9.79 -4.25
N GLN A 12 -5.37 10.31 -4.04
CA GLN A 12 -4.11 9.63 -4.37
C GLN A 12 -3.13 9.75 -3.21
N TYR A 13 -2.45 8.65 -2.90
CA TYR A 13 -1.20 8.62 -2.14
C TYR A 13 -0.21 7.66 -2.80
N MET A 14 1.05 7.63 -2.35
CA MET A 14 2.10 6.77 -2.89
C MET A 14 3.19 6.60 -1.82
N ILE A 15 3.90 5.47 -1.88
CA ILE A 15 4.83 5.04 -0.85
C ILE A 15 6.03 4.35 -1.53
N SER A 16 7.25 4.72 -1.12
CA SER A 16 8.49 4.27 -1.79
C SER A 16 8.79 2.78 -1.60
N ASP A 17 9.35 2.14 -2.62
CA ASP A 17 9.76 0.74 -2.56
C ASP A 17 10.79 0.40 -1.46
N ASP A 18 11.59 1.36 -1.02
CA ASP A 18 12.48 1.21 0.15
C ASP A 18 11.74 0.88 1.45
N LYS A 19 10.44 1.20 1.54
CA LYS A 19 9.58 1.03 2.72
C LYS A 19 8.78 -0.28 2.73
N ILE A 20 8.61 -0.97 1.59
CA ILE A 20 8.06 -2.34 1.61
C ILE A 20 9.06 -3.32 2.26
N GLY A 21 10.36 -3.10 2.04
CA GLY A 21 11.43 -3.98 2.54
C GLY A 21 11.27 -5.44 2.10
N PRO A 22 11.96 -6.40 2.72
CA PRO A 22 11.61 -7.82 2.59
C PRO A 22 10.28 -8.21 3.28
N LYS A 23 9.50 -7.26 3.85
CA LYS A 23 8.34 -7.58 4.72
C LYS A 23 7.02 -7.61 3.92
N GLY A 24 6.71 -6.61 3.09
CA GLY A 24 5.48 -6.64 2.26
C GLY A 24 4.18 -6.80 3.08
N VAL A 25 3.94 -5.86 4.00
CA VAL A 25 2.84 -5.85 4.99
C VAL A 25 1.80 -4.75 4.71
N LYS A 26 0.87 -4.50 5.63
CA LYS A 26 -0.30 -3.62 5.43
C LYS A 26 -0.33 -2.44 6.42
N VAL A 27 -1.00 -1.34 6.04
CA VAL A 27 -0.88 -0.01 6.66
C VAL A 27 -2.26 0.70 6.76
N ARG A 28 -2.39 1.74 7.60
CA ARG A 28 -3.64 2.47 7.85
C ARG A 28 -3.41 4.00 7.93
N CYS A 29 -4.33 4.80 7.36
CA CYS A 29 -4.22 6.24 7.17
C CYS A 29 -3.92 6.98 8.52
N LYS A 30 -2.68 7.49 8.69
CA LYS A 30 -2.10 7.99 9.97
C LYS A 30 -2.74 9.26 10.61
N LYS A 31 -3.94 9.62 10.16
CA LYS A 31 -4.80 10.69 10.67
C LYS A 31 -6.33 10.42 10.38
N CYS A 32 -6.68 9.17 10.13
CA CYS A 32 -7.94 8.78 9.58
C CYS A 32 -8.20 7.27 9.90
N GLY A 33 -9.13 6.59 9.17
CA GLY A 33 -9.43 5.18 9.30
C GLY A 33 -8.89 4.25 8.20
N HIS A 34 -8.80 4.71 6.95
CA HIS A 34 -8.74 3.83 5.77
C HIS A 34 -7.50 2.88 5.78
N THR A 35 -7.77 1.61 5.46
CA THR A 35 -6.75 0.57 5.36
C THR A 35 -6.23 0.39 3.95
N ILE A 36 -4.91 0.25 3.78
CA ILE A 36 -4.23 0.22 2.47
C ILE A 36 -3.19 -0.90 2.40
N THR A 37 -2.86 -1.29 1.15
CA THR A 37 -1.89 -2.35 0.80
C THR A 37 -0.60 -1.73 0.25
N VAL A 38 0.55 -2.02 0.87
CA VAL A 38 1.85 -1.38 0.54
C VAL A 38 2.57 -2.14 -0.60
N ARG A 39 2.15 -1.95 -1.86
CA ARG A 39 2.83 -2.49 -3.06
C ARG A 39 3.29 -1.34 -3.97
N PRO A 40 4.40 -1.45 -4.74
CA PRO A 40 5.00 -0.32 -5.46
C PRO A 40 4.22 0.09 -6.72
N ALA A 41 3.66 -0.86 -7.47
CA ALA A 41 2.95 -0.58 -8.75
C ALA A 41 1.41 -0.65 -8.66
N GLY A 42 0.88 -1.06 -7.51
CA GLY A 42 -0.56 -1.26 -7.29
C GLY A 42 -1.24 -2.35 -8.13
N ALA A 43 -0.45 -3.23 -8.76
CA ALA A 43 -0.93 -4.19 -9.76
C ALA A 43 -1.72 -5.38 -9.17
N LEU A 44 -1.15 -6.07 -8.17
CA LEU A 44 -1.70 -7.28 -7.51
C LEU A 44 -0.96 -7.53 -6.20
N GLU A 45 -1.51 -8.36 -5.30
CA GLU A 45 -0.78 -8.89 -4.14
C GLU A 45 -0.09 -10.21 -4.50
N HIS A 46 1.24 -10.19 -4.56
CA HIS A 46 2.10 -11.37 -4.79
C HIS A 46 2.13 -12.22 -3.52
N HIS A 47 1.05 -12.96 -3.32
CA HIS A 47 0.87 -13.83 -2.13
C HIS A 47 1.76 -15.07 -2.23
N HIS A 48 2.96 -15.01 -1.66
CA HIS A 48 3.97 -16.04 -1.71
C HIS A 48 4.50 -16.25 -0.27
N HIS A 49 4.68 -17.55 0.06
CA HIS A 49 5.11 -18.11 1.35
C HIS A 49 6.64 -18.08 1.42
N HIS A 50 7.25 -17.01 1.94
CA HIS A 50 8.66 -17.13 2.46
C HIS A 50 8.62 -17.49 3.99
N HIS A 51 9.64 -17.15 4.80
CA HIS A 51 9.78 -17.67 6.18
C HIS A 51 10.44 -16.73 7.20
ZN ZN B . -7.83 8.97 4.96
N MET A 1 -7.51 -3.94 -6.54
CA MET A 1 -8.03 -3.14 -5.41
C MET A 1 -6.93 -2.27 -4.78
N ALA A 2 -5.72 -2.81 -4.56
CA ALA A 2 -4.61 -2.15 -3.88
C ALA A 2 -4.02 -0.93 -4.63
N ARG A 3 -3.90 0.15 -3.88
CA ARG A 3 -3.29 1.48 -4.16
C ARG A 3 -3.48 2.33 -2.89
N PHE A 4 -2.70 3.41 -2.71
CA PHE A 4 -2.89 4.31 -1.55
C PHE A 4 -3.92 5.38 -1.90
N VAL A 5 -5.14 5.27 -1.35
CA VAL A 5 -6.25 6.20 -1.65
C VAL A 5 -7.02 6.59 -0.40
N CYS A 6 -7.07 7.90 -0.13
CA CYS A 6 -7.77 8.52 0.97
C CYS A 6 -9.01 9.28 0.50
N ASP A 7 -10.11 8.61 0.14
CA ASP A 7 -11.34 9.29 -0.38
C ASP A 7 -11.80 10.37 0.59
N SER A 8 -11.60 10.14 1.90
CA SER A 8 -11.92 11.09 2.98
C SER A 8 -11.03 12.35 3.05
N CYS A 9 -9.72 12.19 2.84
CA CYS A 9 -8.69 13.23 3.03
C CYS A 9 -8.41 13.98 1.74
N ARG A 10 -8.04 13.19 0.70
CA ARG A 10 -7.04 13.56 -0.38
C ARG A 10 -7.15 12.86 -1.73
N ALA A 11 -8.02 11.87 -1.85
CA ALA A 11 -8.27 10.94 -2.98
C ALA A 11 -7.06 10.07 -3.43
N GLN A 12 -5.87 10.63 -3.66
CA GLN A 12 -4.70 9.89 -4.20
C GLN A 12 -3.37 10.19 -3.46
N TYR A 13 -2.62 9.11 -3.23
CA TYR A 13 -1.26 9.00 -2.71
C TYR A 13 -0.50 7.84 -3.42
N MET A 14 0.78 7.67 -3.08
CA MET A 14 1.65 6.55 -3.47
C MET A 14 2.57 6.19 -2.28
N ILE A 15 3.40 5.16 -2.43
CA ILE A 15 4.30 4.71 -1.36
C ILE A 15 5.66 4.37 -1.97
N SER A 16 6.75 4.89 -1.39
CA SER A 16 8.13 4.60 -1.89
C SER A 16 8.48 3.10 -1.85
N ASP A 17 9.13 2.63 -2.90
CA ASP A 17 9.43 1.20 -3.17
C ASP A 17 9.94 0.42 -1.94
N ASP A 18 11.08 0.77 -1.38
CA ASP A 18 11.74 0.23 -0.24
C ASP A 18 10.94 0.30 1.13
N LYS A 19 9.74 0.89 1.16
CA LYS A 19 8.96 0.96 2.39
C LYS A 19 8.29 -0.35 2.75
N ILE A 20 8.20 -1.33 1.83
CA ILE A 20 7.87 -2.72 2.18
C ILE A 20 9.02 -3.43 2.89
N GLY A 21 10.27 -3.00 2.63
CA GLY A 21 11.48 -3.78 2.87
C GLY A 21 11.28 -5.27 2.48
N PRO A 22 11.81 -6.22 3.29
CA PRO A 22 11.52 -7.63 3.11
C PRO A 22 10.14 -8.09 3.62
N LYS A 23 9.42 -7.32 4.47
CA LYS A 23 8.26 -7.81 5.24
C LYS A 23 6.90 -7.65 4.52
N GLY A 24 6.64 -6.51 3.86
CA GLY A 24 5.50 -6.31 2.95
C GLY A 24 4.12 -6.15 3.63
N VAL A 25 4.06 -5.47 4.78
CA VAL A 25 2.85 -5.41 5.61
C VAL A 25 1.78 -4.42 5.11
N LYS A 26 0.53 -4.60 5.55
CA LYS A 26 -0.51 -3.57 5.36
C LYS A 26 -0.21 -2.30 6.18
N VAL A 27 -0.60 -1.15 5.64
CA VAL A 27 -0.51 0.18 6.25
C VAL A 27 -1.91 0.79 6.34
N ARG A 28 -2.19 1.56 7.38
CA ARG A 28 -3.36 2.44 7.44
C ARG A 28 -2.95 3.88 7.19
N CYS A 29 -3.88 4.76 6.80
CA CYS A 29 -3.64 6.18 6.94
C CYS A 29 -3.22 6.51 8.42
N LYS A 30 -2.18 7.32 8.51
CA LYS A 30 -1.80 7.93 9.81
C LYS A 30 -2.82 8.89 10.35
N LYS A 31 -3.91 9.27 9.60
CA LYS A 31 -4.99 10.15 10.03
C LYS A 31 -6.45 9.86 9.53
N CYS A 32 -6.68 8.77 8.82
CA CYS A 32 -8.06 8.15 8.67
C CYS A 32 -8.06 6.62 8.90
N GLY A 33 -9.16 5.93 8.53
CA GLY A 33 -9.31 4.51 8.71
C GLY A 33 -8.81 3.63 7.59
N HIS A 34 -8.55 4.19 6.40
CA HIS A 34 -8.42 3.38 5.18
C HIS A 34 -7.14 2.53 5.19
N THR A 35 -7.29 1.24 4.90
CA THR A 35 -6.23 0.22 5.07
C THR A 35 -5.79 -0.33 3.71
N ILE A 36 -4.50 -0.16 3.40
CA ILE A 36 -3.95 -0.40 2.06
C ILE A 36 -2.83 -1.46 2.08
N THR A 37 -2.88 -2.38 1.10
CA THR A 37 -1.94 -3.48 0.90
C THR A 37 -0.77 -2.96 0.04
N VAL A 38 0.44 -2.86 0.61
CA VAL A 38 1.59 -2.18 -0.01
C VAL A 38 2.29 -3.05 -1.07
N ARG A 39 2.47 -2.50 -2.28
CA ARG A 39 3.28 -3.04 -3.39
C ARG A 39 3.94 -1.87 -4.17
N PRO A 40 5.11 -2.05 -4.81
CA PRO A 40 5.87 -0.96 -5.45
C PRO A 40 5.33 -0.46 -6.81
N ALA A 41 4.36 -1.17 -7.41
CA ALA A 41 3.83 -0.89 -8.75
C ALA A 41 2.38 -1.36 -8.93
N GLY A 42 1.64 -1.60 -7.84
CA GLY A 42 0.24 -2.06 -7.88
C GLY A 42 0.06 -3.47 -8.50
N ALA A 43 0.99 -4.40 -8.22
CA ALA A 43 1.06 -5.75 -8.80
C ALA A 43 1.27 -6.86 -7.74
N LEU A 44 0.66 -8.03 -7.99
CA LEU A 44 0.57 -9.14 -7.06
C LEU A 44 0.10 -8.70 -5.69
N GLU A 45 -0.98 -7.95 -5.68
CA GLU A 45 -1.61 -7.54 -4.42
C GLU A 45 -2.16 -8.65 -3.53
N HIS A 46 -2.59 -9.77 -4.13
CA HIS A 46 -2.78 -11.06 -3.46
C HIS A 46 -1.51 -11.92 -3.58
N HIS A 47 -1.17 -12.64 -2.50
CA HIS A 47 -0.05 -13.62 -2.43
C HIS A 47 -0.45 -15.06 -2.06
N HIS A 48 -1.76 -15.31 -1.86
CA HIS A 48 -2.30 -16.57 -1.33
C HIS A 48 -2.25 -17.73 -2.34
N HIS A 49 -1.06 -18.21 -2.64
CA HIS A 49 -0.84 -19.38 -3.46
C HIS A 49 -1.31 -20.59 -2.69
N HIS A 50 -1.70 -21.66 -3.39
CA HIS A 50 -2.42 -22.87 -2.86
C HIS A 50 -1.88 -24.23 -3.43
N HIS A 51 -2.18 -25.36 -2.77
CA HIS A 51 -1.68 -26.69 -3.09
C HIS A 51 -2.82 -27.63 -3.25
ZN ZN B . -6.57 9.21 4.94
N MET A 1 -7.77 -2.58 -7.29
CA MET A 1 -8.25 -2.02 -6.01
C MET A 1 -7.10 -1.73 -5.03
N ALA A 2 -6.07 -2.54 -4.97
CA ALA A 2 -4.92 -2.17 -4.15
C ALA A 2 -4.13 -1.00 -4.77
N ARG A 3 -3.95 0.06 -3.98
CA ARG A 3 -3.01 1.19 -4.09
C ARG A 3 -3.07 1.93 -2.74
N PHE A 4 -2.23 2.93 -2.47
CA PHE A 4 -2.46 3.79 -1.28
C PHE A 4 -3.44 4.91 -1.69
N VAL A 5 -4.67 4.86 -1.19
CA VAL A 5 -5.76 5.74 -1.60
C VAL A 5 -6.66 6.02 -0.41
N CYS A 6 -7.16 7.27 -0.29
CA CYS A 6 -8.02 7.74 0.79
C CYS A 6 -9.17 8.68 0.33
N ASP A 7 -10.31 8.14 -0.09
CA ASP A 7 -11.55 8.99 -0.24
C ASP A 7 -12.13 9.49 1.16
N SER A 8 -11.33 10.23 1.93
CA SER A 8 -11.77 10.98 3.09
C SER A 8 -11.05 12.28 3.13
N CYS A 9 -9.71 12.29 3.03
CA CYS A 9 -8.85 13.48 3.06
C CYS A 9 -8.03 13.88 1.77
N ARG A 10 -7.68 12.86 0.96
CA ARG A 10 -6.56 12.99 -0.04
C ARG A 10 -6.87 12.50 -1.44
N ALA A 11 -7.79 11.52 -1.59
CA ALA A 11 -7.97 10.63 -2.75
C ALA A 11 -6.72 9.80 -3.22
N GLN A 12 -5.50 10.10 -2.75
CA GLN A 12 -4.30 9.43 -3.26
C GLN A 12 -3.15 9.51 -2.25
N TYR A 13 -2.31 8.48 -2.31
CA TYR A 13 -0.98 8.35 -1.71
C TYR A 13 -0.15 7.37 -2.57
N MET A 14 1.15 7.23 -2.28
CA MET A 14 2.13 6.51 -3.09
C MET A 14 3.34 6.17 -2.21
N ILE A 15 4.26 5.38 -2.76
CA ILE A 15 5.34 4.77 -1.99
C ILE A 15 6.55 4.38 -2.86
N SER A 16 7.75 4.55 -2.33
CA SER A 16 8.94 3.87 -2.89
C SER A 16 9.04 2.45 -2.36
N ASP A 17 9.63 1.54 -3.15
CA ASP A 17 9.88 0.18 -2.80
C ASP A 17 10.75 -0.01 -1.52
N ASP A 18 11.62 0.92 -1.32
CA ASP A 18 12.45 1.03 -0.10
C ASP A 18 11.61 1.07 1.16
N LYS A 19 10.26 1.32 1.08
CA LYS A 19 9.34 1.33 2.19
C LYS A 19 8.44 0.06 2.26
N ILE A 20 8.69 -0.97 1.45
CA ILE A 20 8.07 -2.32 1.60
C ILE A 20 9.03 -3.35 2.18
N GLY A 21 10.31 -3.25 1.79
CA GLY A 21 11.36 -4.21 2.17
C GLY A 21 10.95 -5.67 1.94
N PRO A 22 11.57 -6.63 2.67
CA PRO A 22 11.06 -7.99 2.77
C PRO A 22 9.83 -8.14 3.72
N LYS A 23 9.18 -7.01 4.08
CA LYS A 23 8.02 -6.97 5.00
C LYS A 23 6.65 -6.98 4.32
N GLY A 24 6.45 -6.29 3.19
CA GLY A 24 5.23 -6.37 2.34
C GLY A 24 3.90 -6.02 3.06
N VAL A 25 3.96 -5.41 4.25
CA VAL A 25 2.84 -5.14 5.17
C VAL A 25 1.71 -4.27 4.64
N LYS A 26 0.52 -4.39 5.26
CA LYS A 26 -0.62 -3.43 5.14
C LYS A 26 -0.40 -2.18 5.99
N VAL A 27 -1.11 -1.09 5.66
CA VAL A 27 -1.02 0.26 6.30
C VAL A 27 -2.41 0.84 6.51
N ARG A 28 -2.50 1.96 7.23
CA ARG A 28 -3.69 2.84 7.42
C ARG A 28 -3.31 4.28 7.18
N CYS A 29 -4.23 5.16 6.82
CA CYS A 29 -3.99 6.64 6.79
C CYS A 29 -3.70 7.18 8.20
N LYS A 30 -2.90 8.26 8.28
CA LYS A 30 -2.50 8.93 9.53
C LYS A 30 -3.51 9.96 10.08
N LYS A 31 -4.74 10.05 9.55
CA LYS A 31 -5.86 10.71 10.27
C LYS A 31 -7.25 10.11 10.09
N CYS A 32 -7.38 9.16 9.16
CA CYS A 32 -8.60 8.47 8.87
C CYS A 32 -8.52 7.02 9.40
N GLY A 33 -9.63 6.30 9.26
CA GLY A 33 -9.71 4.87 9.61
C GLY A 33 -9.21 3.89 8.53
N HIS A 34 -9.08 4.33 7.26
CA HIS A 34 -9.04 3.44 6.10
C HIS A 34 -7.74 2.64 5.95
N THR A 35 -7.89 1.32 5.83
CA THR A 35 -6.79 0.37 5.67
C THR A 35 -6.47 0.07 4.21
N ILE A 36 -5.19 0.18 3.86
CA ILE A 36 -4.63 0.17 2.50
C ILE A 36 -3.52 -0.89 2.38
N THR A 37 -3.00 -1.10 1.17
CA THR A 37 -1.99 -2.12 0.82
C THR A 37 -0.77 -1.50 0.15
N VAL A 38 0.42 -1.81 0.67
CA VAL A 38 1.71 -1.29 0.16
C VAL A 38 2.36 -2.29 -0.79
N ARG A 39 2.50 -1.91 -2.07
CA ARG A 39 3.21 -2.63 -3.14
C ARG A 39 3.96 -1.60 -3.99
N PRO A 40 5.10 -1.95 -4.60
CA PRO A 40 6.04 -0.96 -5.18
C PRO A 40 5.56 -0.30 -6.50
N ALA A 41 4.58 -0.92 -7.14
CA ALA A 41 3.89 -0.42 -8.33
C ALA A 41 2.34 -0.60 -8.29
N GLY A 42 1.76 -1.36 -7.35
CA GLY A 42 0.28 -1.53 -7.24
C GLY A 42 -0.25 -2.69 -8.12
N ALA A 43 0.38 -3.87 -8.00
CA ALA A 43 0.05 -5.08 -8.74
C ALA A 43 0.44 -6.34 -7.97
N LEU A 44 -0.36 -7.43 -8.12
CA LEU A 44 -0.04 -8.80 -7.66
C LEU A 44 0.01 -8.94 -6.12
N GLU A 45 -1.13 -8.72 -5.46
CA GLU A 45 -1.27 -8.67 -4.01
C GLU A 45 -1.33 -10.06 -3.29
N HIS A 46 -0.40 -10.95 -3.58
CA HIS A 46 -0.16 -12.22 -2.85
C HIS A 46 0.45 -11.99 -1.46
N HIS A 47 0.55 -13.07 -0.63
CA HIS A 47 1.27 -13.10 0.65
C HIS A 47 0.83 -12.05 1.73
N HIS A 48 -0.47 -11.74 1.83
CA HIS A 48 -1.02 -10.94 2.95
C HIS A 48 -1.62 -11.79 4.10
N HIS A 49 -0.90 -12.81 4.57
CA HIS A 49 -1.37 -13.72 5.66
C HIS A 49 -0.39 -13.83 6.80
N HIS A 50 -0.94 -14.02 8.02
CA HIS A 50 -0.26 -14.00 9.30
C HIS A 50 -1.10 -14.72 10.40
N HIS A 51 -0.42 -15.35 11.37
CA HIS A 51 -0.95 -16.19 12.47
C HIS A 51 -0.23 -15.91 13.81
ZN ZN B . -7.03 10.02 4.93
N MET A 1 -8.75 -3.93 -2.81
CA MET A 1 -8.52 -2.46 -2.87
C MET A 1 -7.00 -2.15 -2.82
N ALA A 2 -6.26 -2.64 -3.82
CA ALA A 2 -4.80 -2.54 -3.87
C ALA A 2 -4.29 -1.22 -4.48
N ARG A 3 -4.24 -0.17 -3.66
CA ARG A 3 -3.55 1.13 -3.89
C ARG A 3 -3.59 2.03 -2.64
N PHE A 4 -2.68 3.03 -2.53
CA PHE A 4 -2.80 4.04 -1.48
C PHE A 4 -3.83 5.10 -1.93
N VAL A 5 -5.05 4.96 -1.43
CA VAL A 5 -6.18 5.87 -1.64
C VAL A 5 -6.99 6.02 -0.35
N CYS A 6 -7.44 7.24 -0.08
CA CYS A 6 -8.28 7.62 1.05
C CYS A 6 -9.18 8.83 0.65
N ASP A 7 -10.43 8.53 0.27
CA ASP A 7 -11.37 9.46 -0.35
C ASP A 7 -11.91 10.54 0.62
N SER A 8 -11.54 10.54 1.91
CA SER A 8 -11.95 11.57 2.86
C SER A 8 -10.99 12.77 2.87
N CYS A 9 -9.68 12.53 2.67
CA CYS A 9 -8.61 13.55 2.63
C CYS A 9 -8.14 13.93 1.19
N ARG A 10 -7.68 12.95 0.39
CA ARG A 10 -6.96 13.22 -0.87
C ARG A 10 -7.33 12.36 -2.08
N ALA A 11 -7.97 11.20 -1.94
CA ALA A 11 -8.31 10.25 -3.01
C ALA A 11 -7.12 9.61 -3.77
N GLN A 12 -5.91 10.15 -3.66
CA GLN A 12 -4.66 9.58 -4.19
C GLN A 12 -3.45 9.80 -3.27
N TYR A 13 -2.67 8.76 -2.98
CA TYR A 13 -1.33 8.81 -2.39
C TYR A 13 -0.38 7.79 -3.06
N MET A 14 0.91 7.82 -2.70
CA MET A 14 1.97 6.93 -3.20
C MET A 14 2.99 6.61 -2.11
N ILE A 15 3.85 5.61 -2.36
CA ILE A 15 4.85 5.08 -1.42
C ILE A 15 6.05 4.54 -2.22
N SER A 16 7.26 4.54 -1.62
CA SER A 16 8.44 3.86 -2.21
C SER A 16 8.33 2.32 -2.12
N ASP A 17 9.07 1.65 -3.02
CA ASP A 17 9.45 0.25 -2.95
C ASP A 17 10.18 -0.19 -1.70
N ASP A 18 11.18 0.58 -1.23
CA ASP A 18 11.88 0.38 0.03
C ASP A 18 11.01 0.10 1.30
N LYS A 19 9.76 0.58 1.27
CA LYS A 19 8.78 0.48 2.36
C LYS A 19 7.95 -0.82 2.39
N ILE A 20 8.15 -1.73 1.43
CA ILE A 20 7.82 -3.16 1.66
C ILE A 20 8.98 -3.85 2.38
N GLY A 21 10.24 -3.46 2.09
CA GLY A 21 11.44 -4.11 2.62
C GLY A 21 11.41 -5.66 2.50
N PRO A 22 11.96 -6.43 3.48
CA PRO A 22 11.82 -7.88 3.54
C PRO A 22 10.51 -8.41 4.18
N LYS A 23 9.57 -7.53 4.60
CA LYS A 23 8.42 -7.90 5.46
C LYS A 23 7.06 -7.80 4.76
N GLY A 24 6.86 -6.82 3.85
CA GLY A 24 5.76 -6.82 2.86
C GLY A 24 4.34 -6.40 3.33
N VAL A 25 4.19 -5.85 4.53
CA VAL A 25 2.86 -5.68 5.20
C VAL A 25 2.07 -4.41 4.80
N LYS A 26 0.75 -4.48 5.02
CA LYS A 26 -0.26 -3.42 4.80
C LYS A 26 -0.15 -2.25 5.75
N VAL A 27 -0.63 -1.07 5.35
CA VAL A 27 -0.52 0.21 6.09
C VAL A 27 -1.90 0.86 6.13
N ARG A 28 -2.01 2.03 6.82
CA ARG A 28 -3.23 2.78 7.10
C ARG A 28 -2.96 4.30 6.90
N CYS A 29 -3.91 5.04 6.37
CA CYS A 29 -3.73 6.51 6.26
C CYS A 29 -3.52 7.11 7.67
N LYS A 30 -2.34 7.73 7.87
CA LYS A 30 -1.77 8.07 9.18
C LYS A 30 -2.58 9.07 10.02
N LYS A 31 -3.55 9.74 9.41
CA LYS A 31 -4.47 10.74 10.00
C LYS A 31 -5.98 10.44 9.75
N CYS A 32 -6.25 9.19 9.37
CA CYS A 32 -7.56 8.66 9.05
C CYS A 32 -7.69 7.24 9.59
N GLY A 33 -8.63 6.47 9.02
CA GLY A 33 -8.91 5.07 9.32
C GLY A 33 -9.07 4.13 8.10
N HIS A 34 -8.78 4.58 6.88
CA HIS A 34 -8.76 3.73 5.68
C HIS A 34 -7.48 2.88 5.56
N THR A 35 -7.54 1.73 4.86
CA THR A 35 -6.44 0.75 4.81
C THR A 35 -6.00 0.43 3.37
N ILE A 36 -4.70 0.32 3.18
CA ILE A 36 -4.06 0.24 1.86
C ILE A 36 -3.02 -0.90 1.78
N THR A 37 -2.98 -1.59 0.63
CA THR A 37 -1.95 -2.58 0.28
C THR A 37 -0.62 -1.88 -0.02
N VAL A 38 0.50 -2.33 0.56
CA VAL A 38 1.83 -1.73 0.28
C VAL A 38 2.54 -2.46 -0.86
N ARG A 39 2.76 -1.71 -1.95
CA ARG A 39 3.21 -2.18 -3.27
C ARG A 39 3.87 -1.03 -4.03
N PRO A 40 4.89 -1.27 -4.87
CA PRO A 40 5.63 -0.24 -5.65
C PRO A 40 4.87 0.28 -6.88
N ALA A 41 3.68 -0.26 -7.20
CA ALA A 41 2.87 0.10 -8.37
C ALA A 41 1.35 -0.17 -8.19
N GLY A 42 0.91 -0.67 -7.04
CA GLY A 42 -0.51 -0.97 -6.77
C GLY A 42 -1.00 -2.31 -7.34
N ALA A 43 -0.27 -2.94 -8.30
CA ALA A 43 -0.41 -4.38 -8.60
C ALA A 43 -0.38 -5.30 -7.35
N LEU A 44 -1.31 -6.30 -7.25
CA LEU A 44 -1.70 -6.84 -5.91
C LEU A 44 -0.52 -7.56 -5.21
N GLU A 45 -0.62 -7.83 -3.93
CA GLU A 45 0.34 -8.65 -3.16
C GLU A 45 -0.13 -10.15 -3.32
N HIS A 46 0.85 -11.02 -3.15
CA HIS A 46 0.80 -12.42 -3.47
C HIS A 46 1.82 -13.23 -2.71
N HIS A 47 3.12 -12.95 -2.94
CA HIS A 47 4.24 -13.65 -2.38
C HIS A 47 5.34 -12.70 -1.84
N HIS A 48 5.84 -11.81 -2.70
CA HIS A 48 6.68 -10.65 -2.32
C HIS A 48 6.91 -9.72 -3.53
N HIS A 49 8.15 -9.52 -3.96
CA HIS A 49 8.58 -8.88 -5.21
C HIS A 49 9.98 -9.42 -5.60
N HIS A 50 10.37 -9.24 -6.87
CA HIS A 50 11.57 -9.75 -7.53
C HIS A 50 12.65 -8.64 -7.55
N HIS A 51 13.92 -9.08 -7.54
CA HIS A 51 15.10 -8.21 -7.57
C HIS A 51 16.13 -8.70 -8.60
ZN ZN B . -6.74 9.86 4.70
N MET A 1 -9.51 -2.15 -5.63
CA MET A 1 -9.09 -1.53 -4.35
C MET A 1 -7.61 -1.64 -3.99
N ALA A 2 -6.78 -2.48 -4.62
CA ALA A 2 -5.40 -2.77 -4.15
C ALA A 2 -4.31 -1.63 -4.21
N ARG A 3 -4.64 -0.36 -3.95
CA ARG A 3 -3.79 0.84 -4.19
C ARG A 3 -3.84 1.84 -3.02
N PHE A 4 -2.73 2.54 -2.76
CA PHE A 4 -2.64 3.58 -1.72
C PHE A 4 -3.37 4.86 -2.15
N VAL A 5 -4.56 5.06 -1.62
CA VAL A 5 -5.29 6.34 -1.61
C VAL A 5 -5.89 6.54 -0.21
N CYS A 6 -6.39 7.74 0.03
CA CYS A 6 -7.42 7.95 1.04
C CYS A 6 -8.56 8.78 0.44
N ASP A 7 -9.59 8.13 -0.10
CA ASP A 7 -10.74 8.86 -0.66
C ASP A 7 -11.66 9.52 0.41
N SER A 8 -11.28 9.41 1.68
CA SER A 8 -11.89 10.16 2.79
C SER A 8 -11.21 11.53 3.03
N CYS A 9 -9.89 11.68 2.86
CA CYS A 9 -9.22 12.97 2.96
C CYS A 9 -8.55 13.44 1.65
N ARG A 10 -7.58 12.68 1.14
CA ARG A 10 -6.64 13.11 0.10
C ARG A 10 -7.02 12.77 -1.34
N ALA A 11 -7.74 11.69 -1.60
CA ALA A 11 -8.06 11.17 -2.94
C ALA A 11 -6.85 10.82 -3.86
N GLN A 12 -5.61 10.90 -3.39
CA GLN A 12 -4.41 10.33 -4.01
C GLN A 12 -3.33 10.16 -2.91
N TYR A 13 -2.60 9.05 -2.91
CA TYR A 13 -1.32 8.91 -2.21
C TYR A 13 -0.43 7.94 -3.03
N MET A 14 0.78 7.63 -2.54
CA MET A 14 1.68 6.61 -3.06
C MET A 14 2.79 6.32 -2.03
N ILE A 15 3.56 5.24 -2.22
CA ILE A 15 4.65 4.82 -1.33
C ILE A 15 5.83 4.24 -2.11
N SER A 16 7.05 4.58 -1.71
CA SER A 16 8.29 4.13 -2.36
C SER A 16 8.49 2.62 -2.26
N ASP A 17 9.07 2.00 -3.29
CA ASP A 17 9.43 0.58 -3.35
C ASP A 17 10.10 0.03 -2.07
N ASP A 18 11.24 0.60 -1.68
CA ASP A 18 12.07 0.18 -0.54
C ASP A 18 11.37 0.25 0.85
N LYS A 19 10.17 0.83 0.91
CA LYS A 19 9.30 0.81 2.10
C LYS A 19 8.43 -0.46 2.22
N ILE A 20 8.33 -1.33 1.20
CA ILE A 20 7.90 -2.71 1.43
C ILE A 20 8.95 -3.54 2.16
N GLY A 21 10.21 -3.36 1.80
CA GLY A 21 11.35 -4.19 2.20
C GLY A 21 11.03 -5.70 2.08
N PRO A 22 11.56 -6.55 2.97
CA PRO A 22 11.12 -7.95 3.12
C PRO A 22 9.80 -8.06 3.92
N LYS A 23 9.30 -6.95 4.52
CA LYS A 23 8.10 -6.95 5.38
C LYS A 23 6.83 -7.18 4.54
N GLY A 24 6.47 -6.23 3.67
CA GLY A 24 5.21 -6.24 2.92
C GLY A 24 3.92 -6.15 3.77
N VAL A 25 3.97 -5.50 4.93
CA VAL A 25 2.81 -5.26 5.83
C VAL A 25 1.75 -4.32 5.25
N LYS A 26 0.49 -4.44 5.71
CA LYS A 26 -0.59 -3.48 5.41
C LYS A 26 -0.43 -2.21 6.25
N VAL A 27 -0.80 -1.05 5.69
CA VAL A 27 -0.67 0.29 6.29
C VAL A 27 -2.05 0.94 6.42
N ARG A 28 -2.10 2.12 7.07
CA ARG A 28 -3.27 2.99 7.17
C ARG A 28 -2.87 4.45 6.93
N CYS A 29 -3.79 5.26 6.41
CA CYS A 29 -3.76 6.69 6.55
C CYS A 29 -3.78 7.11 8.03
N LYS A 30 -2.80 7.92 8.44
CA LYS A 30 -2.50 8.20 9.85
C LYS A 30 -3.47 9.23 10.54
N LYS A 31 -4.65 9.52 9.99
CA LYS A 31 -5.72 10.24 10.72
C LYS A 31 -7.16 9.77 10.35
N CYS A 32 -7.27 8.72 9.53
CA CYS A 32 -8.50 8.21 9.00
C CYS A 32 -8.64 6.71 9.38
N GLY A 33 -9.54 6.01 8.67
CA GLY A 33 -9.73 4.57 8.80
C GLY A 33 -8.99 3.74 7.73
N HIS A 34 -8.57 4.37 6.64
CA HIS A 34 -8.43 3.68 5.37
C HIS A 34 -7.16 2.83 5.31
N THR A 35 -7.36 1.51 5.19
CA THR A 35 -6.31 0.49 5.19
C THR A 35 -5.86 0.15 3.79
N ILE A 36 -4.53 0.16 3.59
CA ILE A 36 -3.91 0.20 2.26
C ILE A 36 -2.83 -0.86 2.09
N THR A 37 -2.78 -1.37 0.86
CA THR A 37 -1.74 -2.24 0.29
C THR A 37 -0.43 -1.46 0.13
N VAL A 38 0.67 -2.01 0.63
CA VAL A 38 2.04 -1.51 0.38
C VAL A 38 2.74 -2.46 -0.59
N ARG A 39 2.79 -2.07 -1.87
CA ARG A 39 3.33 -2.82 -3.02
C ARG A 39 4.00 -1.85 -4.00
N PRO A 40 5.10 -2.22 -4.69
CA PRO A 40 5.93 -1.26 -5.44
C PRO A 40 5.29 -0.64 -6.70
N ALA A 41 4.19 -1.18 -7.22
CA ALA A 41 3.50 -0.66 -8.40
C ALA A 41 2.02 -0.29 -8.17
N GLY A 42 1.48 -0.46 -6.96
CA GLY A 42 0.05 -0.26 -6.66
C GLY A 42 -0.90 -1.40 -7.12
N ALA A 43 -0.37 -2.59 -7.43
CA ALA A 43 -1.16 -3.78 -7.75
C ALA A 43 -1.17 -4.82 -6.60
N LEU A 44 -2.16 -5.72 -6.59
CA LEU A 44 -2.33 -6.72 -5.53
C LEU A 44 -1.09 -7.57 -5.19
N GLU A 45 -1.10 -8.14 -3.99
CA GLU A 45 -0.08 -9.01 -3.43
C GLU A 45 -0.13 -10.46 -4.04
N HIS A 46 0.98 -11.16 -3.85
CA HIS A 46 1.12 -12.57 -4.19
C HIS A 46 2.06 -13.30 -3.17
N HIS A 47 1.80 -14.57 -2.89
CA HIS A 47 2.57 -15.30 -1.89
C HIS A 47 2.50 -16.85 -2.26
N HIS A 48 3.51 -17.62 -1.82
CA HIS A 48 3.70 -19.00 -2.15
C HIS A 48 3.70 -19.93 -0.90
N HIS A 49 2.86 -20.98 -0.89
CA HIS A 49 2.71 -21.96 0.19
C HIS A 49 3.93 -22.94 0.29
N HIS A 50 5.14 -22.38 0.46
CA HIS A 50 6.40 -23.12 0.53
C HIS A 50 6.87 -23.36 1.98
N HIS A 51 7.44 -24.56 2.24
CA HIS A 51 7.92 -25.01 3.55
C HIS A 51 9.00 -26.09 3.46
ZN ZN B . -7.01 10.06 5.19
N MET A 1 -9.18 -2.65 -3.27
CA MET A 1 -8.13 -3.40 -2.49
C MET A 1 -6.77 -2.64 -2.68
N ALA A 2 -5.68 -3.27 -3.20
CA ALA A 2 -4.27 -2.91 -2.86
C ALA A 2 -3.67 -1.68 -3.52
N ARG A 3 -4.15 -0.47 -3.20
CA ARG A 3 -3.52 0.82 -3.59
C ARG A 3 -3.56 1.82 -2.45
N PHE A 4 -2.50 2.59 -2.25
CA PHE A 4 -2.50 3.69 -1.26
C PHE A 4 -3.29 4.89 -1.76
N VAL A 5 -4.59 4.88 -1.51
CA VAL A 5 -5.51 5.99 -1.72
C VAL A 5 -6.30 6.21 -0.44
N CYS A 6 -6.85 7.43 -0.34
CA CYS A 6 -7.87 7.82 0.65
C CYS A 6 -8.89 8.79 0.06
N ASP A 7 -10.11 8.27 -0.16
CA ASP A 7 -11.29 9.09 -0.52
C ASP A 7 -11.98 9.78 0.67
N SER A 8 -11.37 9.84 1.85
CA SER A 8 -11.73 10.77 2.92
C SER A 8 -11.10 12.09 2.70
N CYS A 9 -9.81 12.11 2.46
CA CYS A 9 -8.89 13.24 2.45
C CYS A 9 -8.55 13.85 1.02
N ARG A 10 -8.08 13.00 0.11
CA ARG A 10 -7.17 13.41 -0.96
C ARG A 10 -7.33 12.66 -2.29
N ALA A 11 -8.14 11.61 -2.35
CA ALA A 11 -8.40 10.66 -3.43
C ALA A 11 -7.19 9.87 -3.98
N GLN A 12 -5.94 10.23 -3.64
CA GLN A 12 -4.68 9.68 -4.14
C GLN A 12 -3.52 9.91 -3.15
N TYR A 13 -2.62 8.93 -3.04
CA TYR A 13 -1.26 9.06 -2.49
C TYR A 13 -0.32 8.15 -3.30
N MET A 14 0.97 8.14 -2.97
CA MET A 14 1.99 7.17 -3.45
C MET A 14 2.97 6.80 -2.31
N ILE A 15 3.81 5.76 -2.49
CA ILE A 15 4.81 5.33 -1.48
C ILE A 15 6.01 4.70 -2.21
N SER A 16 7.22 4.82 -1.63
CA SER A 16 8.50 4.38 -2.28
C SER A 16 8.74 2.88 -2.20
N ASP A 17 9.54 2.33 -3.15
CA ASP A 17 9.84 0.90 -3.25
C ASP A 17 10.51 0.30 -2.09
N ASP A 18 11.28 1.10 -1.38
CA ASP A 18 11.87 0.75 -0.02
C ASP A 18 10.90 0.26 1.01
N LYS A 19 9.73 0.92 1.15
CA LYS A 19 8.92 0.83 2.40
C LYS A 19 8.29 -0.50 2.74
N ILE A 20 8.17 -1.38 1.77
CA ILE A 20 7.78 -2.80 2.00
C ILE A 20 8.81 -3.66 2.72
N GLY A 21 10.10 -3.29 2.65
CA GLY A 21 11.20 -4.21 2.97
C GLY A 21 11.01 -5.65 2.38
N PRO A 22 11.47 -6.68 3.11
CA PRO A 22 11.20 -8.07 2.75
C PRO A 22 9.83 -8.61 3.24
N LYS A 23 8.91 -7.74 3.72
CA LYS A 23 7.75 -8.12 4.53
C LYS A 23 6.35 -7.58 4.07
N GLY A 24 6.29 -6.50 3.31
CA GLY A 24 5.11 -6.09 2.62
C GLY A 24 3.88 -5.82 3.46
N VAL A 25 4.08 -5.35 4.68
CA VAL A 25 3.02 -5.12 5.68
C VAL A 25 1.95 -4.13 5.24
N LYS A 26 0.71 -4.34 5.67
CA LYS A 26 -0.43 -3.41 5.60
C LYS A 26 -0.23 -2.10 6.41
N VAL A 27 -1.01 -1.07 6.09
CA VAL A 27 -0.81 0.33 6.57
C VAL A 27 -2.20 0.97 6.82
N ARG A 28 -2.26 2.13 7.51
CA ARG A 28 -3.37 3.08 7.37
C ARG A 28 -2.92 4.42 6.75
N CYS A 29 -3.81 5.13 6.05
CA CYS A 29 -3.67 6.55 5.84
C CYS A 29 -3.42 7.21 7.23
N LYS A 30 -2.32 7.93 7.39
CA LYS A 30 -1.68 8.24 8.72
C LYS A 30 -2.46 9.19 9.62
N LYS A 31 -3.66 9.60 9.20
CA LYS A 31 -4.57 10.51 9.88
C LYS A 31 -6.05 10.05 9.69
N CYS A 32 -6.24 8.74 9.56
CA CYS A 32 -7.49 8.14 9.06
C CYS A 32 -7.81 6.77 9.63
N GLY A 33 -8.93 6.21 9.14
CA GLY A 33 -9.42 4.87 9.41
C GLY A 33 -9.16 3.87 8.25
N HIS A 34 -8.97 4.31 7.02
CA HIS A 34 -8.85 3.41 5.85
C HIS A 34 -7.60 2.56 5.91
N THR A 35 -7.74 1.29 5.52
CA THR A 35 -6.76 0.21 5.69
C THR A 35 -6.24 -0.27 4.34
N ILE A 36 -4.98 0.00 4.03
CA ILE A 36 -4.36 -0.13 2.70
C ILE A 36 -3.12 -1.05 2.66
N THR A 37 -2.83 -1.54 1.45
CA THR A 37 -1.68 -2.43 1.14
C THR A 37 -0.53 -1.61 0.51
N VAL A 38 0.72 -2.04 0.70
CA VAL A 38 1.91 -1.40 0.13
C VAL A 38 2.59 -2.28 -0.96
N ARG A 39 2.82 -1.74 -2.17
CA ARG A 39 3.50 -2.39 -3.32
C ARG A 39 4.24 -1.30 -4.13
N PRO A 40 5.36 -1.62 -4.80
CA PRO A 40 6.17 -0.64 -5.55
C PRO A 40 5.49 -0.02 -6.78
N ALA A 41 4.47 -0.73 -7.31
CA ALA A 41 3.73 -0.37 -8.52
C ALA A 41 2.21 -0.80 -8.52
N GLY A 42 1.70 -1.36 -7.43
CA GLY A 42 0.28 -1.72 -7.27
C GLY A 42 -0.31 -2.79 -8.16
N ALA A 43 0.49 -3.46 -8.99
CA ALA A 43 -0.02 -4.28 -10.11
C ALA A 43 -0.59 -5.70 -9.77
N LEU A 44 -0.39 -6.18 -8.53
CA LEU A 44 -0.87 -7.48 -8.03
C LEU A 44 -0.61 -7.59 -6.50
N GLU A 45 -1.30 -8.53 -5.82
CA GLU A 45 -1.13 -8.81 -4.38
C GLU A 45 -0.26 -10.02 -4.01
N HIS A 46 -0.18 -11.02 -4.91
CA HIS A 46 0.55 -12.29 -4.64
C HIS A 46 2.08 -12.11 -4.50
N HIS A 47 2.63 -12.52 -3.37
CA HIS A 47 4.00 -12.30 -2.97
C HIS A 47 4.68 -13.63 -2.66
N HIS A 48 4.14 -14.40 -1.74
CA HIS A 48 4.44 -15.81 -1.58
C HIS A 48 3.23 -16.67 -2.04
N HIS A 49 3.53 -17.81 -2.68
CA HIS A 49 2.57 -18.74 -3.21
C HIS A 49 3.04 -20.18 -2.89
N HIS A 50 2.35 -20.87 -1.99
CA HIS A 50 2.70 -22.21 -1.59
C HIS A 50 1.52 -22.81 -0.83
N HIS A 51 1.35 -24.14 -0.90
CA HIS A 51 0.38 -24.88 -0.10
C HIS A 51 0.71 -24.83 1.39
ZN ZN B . -7.45 9.69 4.86
N MET A 1 -9.30 -0.78 -4.53
CA MET A 1 -8.86 -1.26 -3.20
C MET A 1 -7.35 -1.33 -3.05
N ALA A 2 -6.61 -2.13 -3.82
CA ALA A 2 -5.21 -2.51 -3.49
C ALA A 2 -4.08 -1.45 -3.66
N ARG A 3 -4.28 -0.17 -3.26
CA ARG A 3 -3.22 0.85 -3.20
C ARG A 3 -3.34 1.68 -1.90
N PHE A 4 -2.34 2.50 -1.62
CA PHE A 4 -2.44 3.68 -0.76
C PHE A 4 -3.38 4.69 -1.44
N VAL A 5 -4.62 4.81 -0.97
CA VAL A 5 -5.67 5.67 -1.51
C VAL A 5 -6.58 6.14 -0.37
N CYS A 6 -6.83 7.44 -0.33
CA CYS A 6 -7.46 8.18 0.75
C CYS A 6 -8.67 9.02 0.27
N ASP A 7 -9.78 8.36 -0.06
CA ASP A 7 -11.02 9.06 -0.44
C ASP A 7 -11.59 9.96 0.68
N SER A 8 -11.08 9.89 1.92
CA SER A 8 -11.40 10.85 2.98
C SER A 8 -10.48 12.10 3.00
N CYS A 9 -9.17 11.95 2.75
CA CYS A 9 -8.17 13.03 2.80
C CYS A 9 -8.03 13.72 1.45
N ARG A 10 -7.47 12.94 0.50
CA ARG A 10 -6.62 13.37 -0.62
C ARG A 10 -6.95 12.67 -1.96
N ALA A 11 -7.86 11.69 -1.96
CA ALA A 11 -8.04 10.59 -2.91
C ALA A 11 -6.75 9.83 -3.28
N GLN A 12 -5.85 10.51 -3.98
CA GLN A 12 -4.57 9.99 -4.49
C GLN A 12 -3.44 10.00 -3.47
N TYR A 13 -2.82 8.83 -3.26
CA TYR A 13 -1.51 8.67 -2.59
C TYR A 13 -0.64 7.60 -3.30
N MET A 14 0.63 7.48 -2.90
CA MET A 14 1.62 6.52 -3.47
C MET A 14 2.71 6.20 -2.44
N ILE A 15 3.64 5.28 -2.76
CA ILE A 15 4.72 4.84 -1.87
C ILE A 15 5.90 4.16 -2.62
N SER A 16 7.13 4.44 -2.16
CA SER A 16 8.40 3.82 -2.60
C SER A 16 8.49 2.32 -2.26
N ASP A 17 9.28 1.55 -3.03
CA ASP A 17 9.54 0.13 -2.87
C ASP A 17 10.44 -0.20 -1.67
N ASP A 18 11.43 0.61 -1.30
CA ASP A 18 12.20 0.33 -0.07
C ASP A 18 11.35 0.39 1.24
N LYS A 19 10.16 1.02 1.17
CA LYS A 19 9.20 1.11 2.29
C LYS A 19 8.40 -0.15 2.59
N ILE A 20 8.27 -1.08 1.61
CA ILE A 20 7.82 -2.45 1.91
C ILE A 20 8.94 -3.30 2.54
N GLY A 21 10.14 -3.23 1.97
CA GLY A 21 11.20 -4.23 2.21
C GLY A 21 10.73 -5.68 1.94
N PRO A 22 11.39 -6.70 2.53
CA PRO A 22 10.92 -8.09 2.43
C PRO A 22 9.64 -8.38 3.23
N LYS A 23 9.23 -7.44 4.12
CA LYS A 23 8.11 -7.60 5.06
C LYS A 23 6.75 -7.14 4.48
N GLY A 24 6.73 -6.06 3.70
CA GLY A 24 5.56 -5.67 2.90
C GLY A 24 4.22 -5.64 3.59
N VAL A 25 4.19 -5.22 4.87
CA VAL A 25 3.02 -5.24 5.76
C VAL A 25 1.91 -4.25 5.31
N LYS A 26 0.66 -4.57 5.62
CA LYS A 26 -0.48 -3.63 5.41
C LYS A 26 -0.39 -2.41 6.34
N VAL A 27 -0.93 -1.27 5.90
CA VAL A 27 -0.88 0.04 6.60
C VAL A 27 -2.29 0.62 6.80
N ARG A 28 -2.52 1.47 7.83
CA ARG A 28 -3.73 2.31 8.00
C ARG A 28 -3.32 3.79 7.99
N CYS A 29 -4.03 4.66 7.27
CA CYS A 29 -3.76 6.10 7.20
C CYS A 29 -3.89 6.84 8.56
N LYS A 30 -3.04 7.86 8.73
CA LYS A 30 -2.73 8.56 9.99
C LYS A 30 -3.75 9.64 10.46
N LYS A 31 -4.81 10.00 9.73
CA LYS A 31 -5.88 10.87 10.29
C LYS A 31 -7.27 10.45 9.77
N CYS A 32 -7.42 9.13 9.71
CA CYS A 32 -8.29 8.38 8.82
C CYS A 32 -8.68 7.01 9.42
N GLY A 33 -9.64 6.33 8.80
CA GLY A 33 -9.92 4.92 9.08
C GLY A 33 -9.20 3.96 8.17
N HIS A 34 -8.77 4.38 6.97
CA HIS A 34 -8.57 3.46 5.86
C HIS A 34 -7.33 2.56 5.93
N THR A 35 -7.52 1.24 5.88
CA THR A 35 -6.46 0.26 5.63
C THR A 35 -6.14 0.10 4.16
N ILE A 36 -4.86 0.13 3.81
CA ILE A 36 -4.32 0.14 2.47
C ILE A 36 -3.27 -0.96 2.27
N THR A 37 -3.17 -1.45 1.03
CA THR A 37 -2.08 -2.32 0.54
C THR A 37 -0.86 -1.48 0.11
N VAL A 38 0.34 -1.98 0.41
CA VAL A 38 1.59 -1.30 0.09
C VAL A 38 2.28 -2.09 -1.03
N ARG A 39 2.32 -1.56 -2.26
CA ARG A 39 2.96 -2.28 -3.40
C ARG A 39 3.40 -1.38 -4.55
N PRO A 40 4.70 -1.37 -4.96
CA PRO A 40 5.28 -0.38 -5.88
C PRO A 40 4.89 -0.52 -7.39
N ALA A 41 4.18 -1.58 -7.76
CA ALA A 41 3.55 -1.69 -9.10
C ALA A 41 2.13 -1.07 -9.20
N GLY A 42 1.55 -0.67 -8.05
CA GLY A 42 0.16 -0.26 -7.94
C GLY A 42 -0.88 -1.37 -8.11
N ALA A 43 -0.48 -2.54 -8.56
CA ALA A 43 -1.36 -3.63 -9.02
C ALA A 43 -1.85 -4.58 -7.89
N LEU A 44 -0.99 -5.55 -7.43
CA LEU A 44 -1.39 -6.62 -6.47
C LEU A 44 -0.10 -7.27 -5.85
N GLU A 45 -0.25 -8.00 -4.73
CA GLU A 45 0.86 -8.50 -3.90
C GLU A 45 1.32 -9.91 -4.53
N HIS A 46 0.40 -10.70 -5.17
CA HIS A 46 0.64 -12.07 -5.35
C HIS A 46 1.36 -12.32 -6.70
N HIS A 47 2.24 -13.34 -6.78
CA HIS A 47 3.12 -13.59 -7.96
C HIS A 47 3.56 -15.07 -8.05
N HIS A 48 4.07 -15.52 -9.22
CA HIS A 48 4.43 -16.89 -9.52
C HIS A 48 5.82 -17.24 -8.94
N HIS A 49 5.93 -17.33 -7.63
CA HIS A 49 7.13 -17.73 -6.94
C HIS A 49 7.16 -19.23 -6.70
N HIS A 50 8.23 -19.91 -7.18
CA HIS A 50 8.48 -21.38 -7.18
C HIS A 50 10.00 -21.69 -7.21
N HIS A 51 10.42 -22.74 -6.48
CA HIS A 51 11.83 -23.06 -6.31
C HIS A 51 11.99 -24.52 -5.89
ZN ZN B . -6.47 9.07 4.73
N MET A 1 -9.47 -3.05 -4.56
CA MET A 1 -8.63 -1.84 -4.84
C MET A 1 -7.28 -1.89 -4.09
N ALA A 2 -6.30 -2.61 -4.64
CA ALA A 2 -4.97 -2.75 -4.01
C ALA A 2 -4.04 -1.57 -4.36
N ARG A 3 -4.15 -0.42 -3.67
CA ARG A 3 -3.22 0.74 -3.78
C ARG A 3 -3.30 1.67 -2.56
N PHE A 4 -2.18 2.31 -2.20
CA PHE A 4 -2.21 3.44 -1.25
C PHE A 4 -2.99 4.60 -1.87
N VAL A 5 -4.22 4.82 -1.40
CA VAL A 5 -5.10 5.96 -1.68
C VAL A 5 -5.83 6.37 -0.42
N CYS A 6 -6.59 7.48 -0.46
CA CYS A 6 -7.69 7.70 0.46
C CYS A 6 -8.80 8.63 -0.11
N ASP A 7 -9.91 8.07 -0.56
CA ASP A 7 -11.06 8.89 -1.10
C ASP A 7 -11.71 9.78 0.00
N SER A 8 -11.27 9.68 1.26
CA SER A 8 -11.88 10.30 2.42
C SER A 8 -11.23 11.63 2.77
N CYS A 9 -9.91 11.66 2.89
CA CYS A 9 -9.08 12.85 3.23
C CYS A 9 -8.25 13.60 2.10
N ARG A 10 -7.67 12.83 1.15
CA ARG A 10 -6.64 13.36 0.22
C ARG A 10 -6.98 13.10 -1.22
N ALA A 11 -7.88 12.16 -1.51
CA ALA A 11 -7.98 11.34 -2.74
C ALA A 11 -6.74 10.45 -3.03
N GLN A 12 -5.54 11.05 -3.14
CA GLN A 12 -4.33 10.40 -3.66
C GLN A 12 -3.20 10.18 -2.63
N TYR A 13 -2.65 8.98 -2.67
CA TYR A 13 -1.37 8.61 -2.09
C TYR A 13 -0.51 7.82 -3.08
N MET A 14 0.70 7.51 -2.65
CA MET A 14 1.71 6.67 -3.30
C MET A 14 2.75 6.28 -2.24
N ILE A 15 3.60 5.32 -2.55
CA ILE A 15 4.65 4.84 -1.63
C ILE A 15 5.84 4.31 -2.44
N SER A 16 7.07 4.50 -1.97
CA SER A 16 8.27 4.02 -2.69
C SER A 16 8.40 2.50 -2.59
N ASP A 17 9.18 1.90 -3.49
CA ASP A 17 9.48 0.48 -3.49
C ASP A 17 10.17 -0.03 -2.23
N ASP A 18 11.22 0.67 -1.78
CA ASP A 18 12.01 0.24 -0.60
C ASP A 18 11.24 0.33 0.76
N LYS A 19 9.99 0.86 0.78
CA LYS A 19 9.15 1.00 1.98
C LYS A 19 8.42 -0.28 2.38
N ILE A 20 8.10 -1.19 1.44
CA ILE A 20 7.72 -2.54 1.85
C ILE A 20 8.87 -3.25 2.58
N GLY A 21 10.11 -2.98 2.16
CA GLY A 21 11.28 -3.79 2.46
C GLY A 21 11.02 -5.28 2.23
N PRO A 22 11.75 -6.17 2.94
CA PRO A 22 11.42 -7.59 3.00
C PRO A 22 10.14 -7.92 3.86
N LYS A 23 9.37 -6.92 4.32
CA LYS A 23 8.14 -7.11 5.13
C LYS A 23 6.82 -7.04 4.34
N GLY A 24 6.58 -6.06 3.47
CA GLY A 24 5.38 -6.02 2.62
C GLY A 24 4.03 -6.03 3.36
N VAL A 25 3.90 -5.28 4.45
CA VAL A 25 2.70 -5.22 5.29
C VAL A 25 1.58 -4.34 4.73
N LYS A 26 0.34 -4.59 5.19
CA LYS A 26 -0.76 -3.62 5.16
C LYS A 26 -0.47 -2.37 6.03
N VAL A 27 -1.09 -1.24 5.68
CA VAL A 27 -0.96 0.06 6.36
C VAL A 27 -2.33 0.74 6.47
N ARG A 28 -2.50 1.54 7.52
CA ARG A 28 -3.70 2.34 7.82
C ARG A 28 -3.41 3.86 7.83
N CYS A 29 -4.27 4.63 7.18
CA CYS A 29 -4.16 6.07 7.00
C CYS A 29 -3.95 6.84 8.34
N LYS A 30 -2.80 7.53 8.48
CA LYS A 30 -2.26 8.07 9.75
C LYS A 30 -3.04 9.22 10.43
N LYS A 31 -4.10 9.74 9.82
CA LYS A 31 -4.95 10.81 10.38
C LYS A 31 -6.45 10.52 10.25
N CYS A 32 -6.81 9.24 10.07
CA CYS A 32 -8.05 8.85 9.42
C CYS A 32 -8.58 7.49 9.93
N GLY A 33 -9.31 6.79 9.07
CA GLY A 33 -9.97 5.51 9.34
C GLY A 33 -10.17 4.65 8.09
N HIS A 34 -9.08 4.41 7.34
CA HIS A 34 -9.03 3.58 6.11
C HIS A 34 -7.72 2.76 6.00
N THR A 35 -7.65 1.76 5.11
CA THR A 35 -6.60 0.74 5.05
C THR A 35 -6.25 0.36 3.61
N ILE A 36 -4.96 0.08 3.38
CA ILE A 36 -4.40 -0.17 2.04
C ILE A 36 -3.33 -1.26 2.00
N THR A 37 -3.17 -1.86 0.82
CA THR A 37 -2.05 -2.71 0.40
C THR A 37 -0.82 -1.87 0.04
N VAL A 38 0.35 -2.15 0.63
CA VAL A 38 1.65 -1.56 0.24
C VAL A 38 2.40 -2.46 -0.75
N ARG A 39 2.77 -1.88 -1.90
CA ARG A 39 3.42 -2.52 -3.05
C ARG A 39 4.26 -1.50 -3.83
N PRO A 40 5.38 -1.98 -4.45
CA PRO A 40 6.20 -1.06 -5.38
C PRO A 40 5.63 -0.50 -6.73
N ALA A 41 4.44 -0.98 -7.11
CA ALA A 41 3.69 -0.62 -8.32
C ALA A 41 2.15 -0.82 -8.16
N GLY A 42 1.69 -1.94 -7.54
CA GLY A 42 0.31 -2.13 -7.09
C GLY A 42 -0.54 -3.14 -7.84
N ALA A 43 0.06 -4.06 -8.60
CA ALA A 43 -0.72 -5.00 -9.44
C ALA A 43 -1.57 -6.04 -8.65
N LEU A 44 -1.07 -6.50 -7.50
CA LEU A 44 -1.60 -7.60 -6.64
C LEU A 44 -0.97 -7.53 -5.23
N GLU A 45 -1.47 -8.29 -4.23
CA GLU A 45 -0.80 -8.49 -2.94
C GLU A 45 -0.13 -9.87 -2.90
N HIS A 46 1.06 -9.97 -2.29
CA HIS A 46 1.72 -11.24 -1.94
C HIS A 46 2.84 -11.09 -0.89
N HIS A 47 3.25 -12.23 -0.33
CA HIS A 47 4.47 -12.43 0.47
C HIS A 47 5.36 -13.54 -0.14
N HIS A 48 6.26 -14.14 0.65
CA HIS A 48 7.32 -15.06 0.20
C HIS A 48 7.67 -16.18 1.20
N HIS A 49 8.05 -15.83 2.44
CA HIS A 49 8.10 -16.78 3.55
C HIS A 49 6.65 -17.04 4.06
N HIS A 50 6.48 -18.16 4.77
CA HIS A 50 5.22 -18.55 5.45
C HIS A 50 5.21 -18.30 6.95
N HIS A 51 6.44 -18.26 7.59
CA HIS A 51 6.74 -17.91 8.99
C HIS A 51 7.39 -16.52 9.19
ZN ZN B . -7.45 9.09 4.81
N MET A 1 -7.76 1.63 -0.12
CA MET A 1 -8.37 0.56 -0.98
C MET A 1 -7.38 0.02 -2.01
N ALA A 2 -6.79 -1.16 -1.80
CA ALA A 2 -5.89 -1.92 -2.74
C ALA A 2 -4.57 -1.23 -3.18
N ARG A 3 -4.49 0.09 -3.01
CA ARG A 3 -3.45 1.08 -3.30
C ARG A 3 -3.52 2.11 -2.14
N PHE A 4 -2.52 3.00 -2.02
CA PHE A 4 -2.61 4.17 -1.13
C PHE A 4 -3.64 5.19 -1.67
N VAL A 5 -4.89 5.03 -1.23
CA VAL A 5 -6.03 5.84 -1.67
C VAL A 5 -6.95 6.04 -0.47
N CYS A 6 -7.40 7.30 -0.37
CA CYS A 6 -8.04 7.92 0.76
C CYS A 6 -9.06 8.95 0.23
N ASP A 7 -10.29 8.49 -0.07
CA ASP A 7 -11.42 9.31 -0.50
C ASP A 7 -11.65 10.55 0.41
N SER A 8 -11.70 10.33 1.74
CA SER A 8 -11.83 11.35 2.79
C SER A 8 -10.72 12.44 2.65
N CYS A 9 -9.42 12.06 2.60
CA CYS A 9 -8.25 12.93 2.67
C CYS A 9 -7.89 13.73 1.38
N ARG A 10 -7.77 12.96 0.29
CA ARG A 10 -6.87 13.28 -0.83
C ARG A 10 -7.27 12.67 -2.15
N ALA A 11 -8.22 11.72 -2.18
CA ALA A 11 -8.30 10.61 -3.15
C ALA A 11 -7.04 9.72 -3.35
N GLN A 12 -5.80 10.19 -3.09
CA GLN A 12 -4.56 9.58 -3.59
C GLN A 12 -3.30 9.88 -2.74
N TYR A 13 -2.45 8.86 -2.65
CA TYR A 13 -1.10 8.85 -2.11
C TYR A 13 -0.30 7.79 -2.85
N MET A 14 0.98 7.57 -2.51
CA MET A 14 1.82 6.46 -2.98
C MET A 14 2.95 6.18 -1.97
N ILE A 15 3.80 5.18 -2.22
CA ILE A 15 4.93 4.78 -1.34
C ILE A 15 6.01 4.01 -2.15
N SER A 16 7.28 4.32 -1.93
CA SER A 16 8.40 3.69 -2.67
C SER A 16 8.56 2.19 -2.40
N ASP A 17 9.13 1.51 -3.41
CA ASP A 17 9.51 0.11 -3.42
C ASP A 17 10.46 -0.36 -2.33
N ASP A 18 11.34 0.52 -1.86
CA ASP A 18 12.19 0.27 -0.66
C ASP A 18 11.34 -0.07 0.57
N LYS A 19 10.15 0.53 0.70
CA LYS A 19 9.39 0.62 1.96
C LYS A 19 8.55 -0.63 2.30
N ILE A 20 8.31 -1.52 1.32
CA ILE A 20 7.93 -2.90 1.61
C ILE A 20 9.11 -3.68 2.21
N GLY A 21 10.37 -3.32 1.94
CA GLY A 21 11.55 -4.07 2.36
C GLY A 21 11.45 -5.57 2.04
N PRO A 22 12.00 -6.41 2.91
CA PRO A 22 11.75 -7.86 2.95
C PRO A 22 10.59 -8.25 3.90
N LYS A 23 9.53 -7.43 4.06
CA LYS A 23 8.47 -7.61 5.10
C LYS A 23 7.01 -7.38 4.63
N GLY A 24 6.79 -6.39 3.75
CA GLY A 24 5.52 -6.17 3.05
C GLY A 24 4.33 -5.91 3.97
N VAL A 25 4.50 -5.25 5.11
CA VAL A 25 3.35 -5.06 6.06
C VAL A 25 2.35 -4.06 5.44
N LYS A 26 1.07 -4.36 5.55
CA LYS A 26 -0.05 -3.51 5.20
C LYS A 26 -0.12 -2.29 6.11
N VAL A 27 -0.59 -1.16 5.54
CA VAL A 27 -0.75 0.14 6.23
C VAL A 27 -2.23 0.60 6.27
N ARG A 28 -2.52 1.53 7.15
CA ARG A 28 -3.81 2.22 7.26
C ARG A 28 -3.50 3.63 7.73
N CYS A 29 -4.36 4.59 7.42
CA CYS A 29 -3.98 6.00 7.57
C CYS A 29 -3.96 6.49 9.06
N LYS A 30 -3.18 7.55 9.27
CA LYS A 30 -2.73 8.12 10.56
C LYS A 30 -3.69 9.23 11.06
N LYS A 31 -4.70 9.61 10.28
CA LYS A 31 -5.69 10.67 10.65
C LYS A 31 -7.16 10.35 10.24
N CYS A 32 -7.39 9.07 9.95
CA CYS A 32 -8.37 8.49 9.06
C CYS A 32 -8.45 6.96 9.30
N GLY A 33 -9.19 6.25 8.46
CA GLY A 33 -9.43 4.80 8.53
C GLY A 33 -9.20 3.99 7.25
N HIS A 34 -8.90 4.59 6.09
CA HIS A 34 -8.76 3.79 4.85
C HIS A 34 -7.52 2.87 4.90
N THR A 35 -7.78 1.62 4.54
CA THR A 35 -6.79 0.53 4.61
C THR A 35 -6.10 0.41 3.27
N ILE A 36 -4.76 0.41 3.28
CA ILE A 36 -3.94 0.50 2.10
C ILE A 36 -2.91 -0.64 2.03
N THR A 37 -2.92 -1.33 0.91
CA THR A 37 -1.92 -2.31 0.51
C THR A 37 -0.62 -1.59 0.14
N VAL A 38 0.52 -1.99 0.74
CA VAL A 38 1.83 -1.43 0.43
C VAL A 38 2.52 -2.28 -0.64
N ARG A 39 2.48 -1.85 -1.92
CA ARG A 39 3.03 -2.55 -3.08
C ARG A 39 3.57 -1.50 -4.07
N PRO A 40 4.79 -1.73 -4.58
CA PRO A 40 5.52 -0.64 -5.35
C PRO A 40 4.84 0.09 -6.53
N ALA A 41 4.11 -0.65 -7.35
CA ALA A 41 3.29 -0.16 -8.45
C ALA A 41 1.77 -0.09 -8.18
N GLY A 42 1.34 -0.17 -6.89
CA GLY A 42 -0.06 -0.40 -6.50
C GLY A 42 -0.67 -1.79 -6.90
N ALA A 43 0.16 -2.70 -7.41
CA ALA A 43 -0.28 -4.02 -7.92
C ALA A 43 -0.63 -4.98 -6.79
N LEU A 44 -1.67 -5.79 -6.97
CA LEU A 44 -2.28 -6.70 -5.97
C LEU A 44 -1.23 -7.62 -5.30
N GLU A 45 -1.45 -8.02 -4.04
CA GLU A 45 -0.53 -8.91 -3.29
C GLU A 45 -0.80 -10.43 -3.40
N HIS A 46 -2.03 -10.83 -3.75
CA HIS A 46 -2.42 -12.22 -4.04
C HIS A 46 -1.87 -12.70 -5.40
N HIS A 47 -0.54 -12.74 -5.51
CA HIS A 47 0.21 -13.50 -6.49
C HIS A 47 0.46 -14.90 -5.94
N HIS A 48 0.37 -15.92 -6.80
CA HIS A 48 0.85 -17.25 -6.44
C HIS A 48 2.35 -17.20 -6.09
N HIS A 49 2.73 -17.83 -4.95
CA HIS A 49 4.08 -17.71 -4.39
C HIS A 49 4.94 -18.94 -4.70
N HIS A 50 6.28 -18.84 -4.56
CA HIS A 50 7.23 -19.79 -5.08
C HIS A 50 8.32 -20.24 -4.08
N HIS A 51 8.92 -21.37 -4.47
CA HIS A 51 10.11 -22.09 -3.91
C HIS A 51 10.97 -22.75 -4.98
ZN ZN B . -6.54 8.87 4.78
N MET A 1 -9.78 -2.40 -4.87
CA MET A 1 -8.50 -1.74 -5.19
C MET A 1 -7.38 -2.20 -4.26
N ALA A 2 -6.12 -1.99 -4.68
CA ALA A 2 -4.90 -2.23 -3.90
C ALA A 2 -3.86 -1.08 -4.09
N ARG A 3 -4.18 0.14 -3.65
CA ARG A 3 -3.23 1.28 -3.62
C ARG A 3 -3.25 2.02 -2.28
N PHE A 4 -2.32 2.95 -2.09
CA PHE A 4 -2.43 4.03 -1.11
C PHE A 4 -3.41 5.10 -1.65
N VAL A 5 -4.68 5.07 -1.21
CA VAL A 5 -5.76 5.90 -1.75
C VAL A 5 -6.76 6.29 -0.65
N CYS A 6 -6.76 7.56 -0.30
CA CYS A 6 -7.61 8.08 0.75
C CYS A 6 -8.72 8.98 0.20
N ASP A 7 -9.81 8.36 -0.27
CA ASP A 7 -11.03 9.09 -0.64
C ASP A 7 -11.58 9.97 0.51
N SER A 8 -11.31 9.63 1.77
CA SER A 8 -11.60 10.47 2.96
C SER A 8 -10.69 11.71 3.20
N CYS A 9 -9.51 11.76 2.56
CA CYS A 9 -8.49 12.80 2.68
C CYS A 9 -8.34 13.60 1.37
N ARG A 10 -7.70 12.97 0.39
CA ARG A 10 -7.20 13.62 -0.85
C ARG A 10 -7.63 12.93 -2.13
N ALA A 11 -8.32 11.80 -2.02
CA ALA A 11 -8.58 10.83 -3.11
C ALA A 11 -7.38 10.10 -3.78
N GLN A 12 -6.13 10.37 -3.30
CA GLN A 12 -4.90 10.04 -4.00
C GLN A 12 -3.66 10.03 -3.13
N TYR A 13 -2.76 9.03 -3.33
CA TYR A 13 -1.42 8.94 -2.73
C TYR A 13 -0.52 7.99 -3.54
N MET A 14 0.77 7.85 -3.22
CA MET A 14 1.71 6.84 -3.77
C MET A 14 2.83 6.45 -2.79
N ILE A 15 3.61 5.43 -3.09
CA ILE A 15 4.59 4.87 -2.18
C ILE A 15 5.79 4.33 -2.99
N SER A 16 6.86 4.01 -2.24
CA SER A 16 8.21 3.53 -2.68
C SER A 16 8.52 2.05 -2.31
N ASP A 17 9.52 1.43 -2.99
CA ASP A 17 9.97 0.06 -2.80
C ASP A 17 10.61 -0.13 -1.44
N ASP A 18 11.66 0.61 -1.07
CA ASP A 18 12.39 0.46 0.22
C ASP A 18 11.44 0.45 1.44
N LYS A 19 10.33 1.21 1.32
CA LYS A 19 9.25 1.31 2.34
C LYS A 19 8.32 0.09 2.49
N ILE A 20 8.43 -0.98 1.67
CA ILE A 20 7.84 -2.31 1.96
C ILE A 20 8.81 -3.28 2.65
N GLY A 21 10.11 -3.14 2.39
CA GLY A 21 11.17 -4.05 2.85
C GLY A 21 10.93 -5.52 2.45
N PRO A 22 11.62 -6.49 3.08
CA PRO A 22 11.32 -7.90 2.88
C PRO A 22 10.01 -8.35 3.57
N LYS A 23 9.44 -7.51 4.46
CA LYS A 23 8.29 -7.80 5.35
C LYS A 23 6.90 -7.66 4.68
N GLY A 24 6.71 -6.70 3.77
CA GLY A 24 5.47 -6.60 2.97
C GLY A 24 4.16 -6.42 3.76
N VAL A 25 4.19 -5.69 4.88
CA VAL A 25 3.04 -5.48 5.79
C VAL A 25 1.98 -4.49 5.27
N LYS A 26 0.73 -4.66 5.70
CA LYS A 26 -0.40 -3.78 5.37
C LYS A 26 -0.36 -2.45 6.14
N VAL A 27 -1.02 -1.42 5.62
CA VAL A 27 -1.01 -0.07 6.21
C VAL A 27 -2.43 0.39 6.55
N ARG A 28 -2.50 1.42 7.39
CA ARG A 28 -3.67 2.26 7.68
C ARG A 28 -3.19 3.72 7.70
N CYS A 29 -3.99 4.65 7.18
CA CYS A 29 -3.66 6.06 7.16
C CYS A 29 -3.65 6.67 8.59
N LYS A 30 -2.76 7.66 8.73
CA LYS A 30 -2.23 8.19 10.00
C LYS A 30 -3.05 9.33 10.67
N LYS A 31 -4.25 9.60 10.15
CA LYS A 31 -5.26 10.55 10.69
C LYS A 31 -6.70 10.17 10.30
N CYS A 32 -6.90 8.87 10.15
CA CYS A 32 -7.95 8.29 9.32
C CYS A 32 -8.66 7.13 10.05
N GLY A 33 -9.02 6.11 9.26
CA GLY A 33 -9.45 4.78 9.73
C GLY A 33 -9.27 3.62 8.72
N HIS A 34 -8.98 3.92 7.44
CA HIS A 34 -9.01 2.98 6.32
C HIS A 34 -7.66 2.33 6.07
N THR A 35 -7.70 1.05 5.71
CA THR A 35 -6.52 0.19 5.43
C THR A 35 -6.18 0.07 3.96
N ILE A 36 -4.90 0.23 3.62
CA ILE A 36 -4.37 0.34 2.25
C ILE A 36 -3.30 -0.72 1.94
N THR A 37 -3.21 -1.12 0.67
CA THR A 37 -2.21 -2.09 0.18
C THR A 37 -0.94 -1.37 -0.25
N VAL A 38 0.22 -1.91 0.14
CA VAL A 38 1.55 -1.38 -0.21
C VAL A 38 2.24 -2.27 -1.25
N ARG A 39 2.61 -1.69 -2.40
CA ARG A 39 3.27 -2.39 -3.51
C ARG A 39 4.04 -1.42 -4.41
N PRO A 40 5.32 -1.67 -4.75
CA PRO A 40 6.17 -0.74 -5.54
C PRO A 40 5.70 -0.52 -6.99
N ALA A 41 4.93 -1.44 -7.56
CA ALA A 41 4.34 -1.29 -8.90
C ALA A 41 3.06 -0.44 -8.90
N GLY A 42 2.32 -0.35 -7.78
CA GLY A 42 0.98 0.26 -7.69
C GLY A 42 -0.16 -0.56 -8.34
N ALA A 43 -1.21 -0.86 -7.57
CA ALA A 43 -2.43 -1.63 -7.90
C ALA A 43 -2.22 -3.13 -8.17
N LEU A 44 -1.16 -3.44 -8.90
CA LEU A 44 -0.77 -4.76 -9.41
C LEU A 44 0.01 -5.57 -8.35
N GLU A 45 -0.53 -6.71 -7.91
CA GLU A 45 0.18 -7.67 -7.05
C GLU A 45 0.99 -8.67 -7.88
N HIS A 46 2.33 -8.63 -7.78
CA HIS A 46 3.21 -9.57 -8.45
C HIS A 46 4.32 -10.00 -7.51
N HIS A 47 4.58 -11.32 -7.52
CA HIS A 47 5.54 -12.07 -6.69
C HIS A 47 6.97 -12.11 -7.27
N HIS A 48 7.03 -12.18 -8.61
CA HIS A 48 8.22 -12.04 -9.45
C HIS A 48 7.93 -11.08 -10.62
N HIS A 49 8.99 -10.57 -11.24
CA HIS A 49 8.90 -9.63 -12.38
C HIS A 49 9.91 -9.99 -13.48
N HIS A 50 9.80 -11.23 -13.95
CA HIS A 50 10.75 -11.83 -14.89
C HIS A 50 10.11 -12.28 -16.23
N HIS A 51 8.79 -12.00 -16.43
CA HIS A 51 7.94 -12.51 -17.55
C HIS A 51 7.71 -14.04 -17.66
ZN ZN B . -6.55 8.96 4.98
N MET A 1 -9.36 -1.74 -6.76
CA MET A 1 -9.23 -2.08 -5.32
C MET A 1 -7.83 -1.77 -4.84
N ALA A 2 -6.86 -2.69 -4.80
CA ALA A 2 -5.51 -2.42 -4.29
C ALA A 2 -4.74 -1.27 -5.02
N ARG A 3 -4.46 -0.22 -4.25
CA ARG A 3 -3.49 0.87 -4.45
C ARG A 3 -3.49 1.71 -3.16
N PHE A 4 -2.62 2.73 -3.04
CA PHE A 4 -2.73 3.73 -1.97
C PHE A 4 -3.77 4.82 -2.32
N VAL A 5 -4.89 4.83 -1.59
CA VAL A 5 -5.94 5.84 -1.69
C VAL A 5 -6.41 6.25 -0.30
N CYS A 6 -6.91 7.49 -0.22
CA CYS A 6 -7.81 7.89 0.83
C CYS A 6 -8.89 8.85 0.31
N ASP A 7 -10.07 8.34 0.01
CA ASP A 7 -11.15 9.08 -0.65
C ASP A 7 -11.71 10.23 0.22
N SER A 8 -11.50 10.12 1.55
CA SER A 8 -11.81 11.14 2.55
C SER A 8 -10.77 12.28 2.64
N CYS A 9 -9.47 11.95 2.54
CA CYS A 9 -8.37 12.92 2.62
C CYS A 9 -7.98 13.56 1.26
N ARG A 10 -7.47 12.73 0.33
CA ARG A 10 -6.60 13.12 -0.80
C ARG A 10 -6.98 12.45 -2.12
N ALA A 11 -7.90 11.49 -2.11
CA ALA A 11 -8.32 10.55 -3.18
C ALA A 11 -7.21 9.66 -3.80
N GLN A 12 -5.93 9.95 -3.57
CA GLN A 12 -4.78 9.24 -4.12
C GLN A 12 -3.53 9.51 -3.27
N TYR A 13 -2.65 8.52 -3.14
CA TYR A 13 -1.30 8.59 -2.53
C TYR A 13 -0.35 7.62 -3.27
N MET A 14 0.88 7.38 -2.77
CA MET A 14 1.76 6.28 -3.22
C MET A 14 2.76 5.92 -2.10
N ILE A 15 3.58 4.89 -2.33
CA ILE A 15 4.72 4.50 -1.48
C ILE A 15 5.89 4.02 -2.35
N SER A 16 7.14 4.23 -1.89
CA SER A 16 8.37 3.80 -2.57
C SER A 16 8.73 2.32 -2.34
N ASP A 17 9.63 1.77 -3.17
CA ASP A 17 10.23 0.44 -2.98
C ASP A 17 11.12 0.36 -1.71
N ASP A 18 12.04 1.29 -1.55
CA ASP A 18 12.81 1.53 -0.31
C ASP A 18 11.96 1.83 0.96
N LYS A 19 10.64 1.49 0.99
CA LYS A 19 9.68 1.64 2.09
C LYS A 19 8.71 0.43 2.32
N ILE A 20 8.73 -0.58 1.43
CA ILE A 20 7.94 -1.84 1.64
C ILE A 20 8.67 -2.93 2.45
N GLY A 21 9.99 -3.02 2.27
CA GLY A 21 10.88 -4.01 2.87
C GLY A 21 10.57 -5.48 2.53
N PRO A 22 11.39 -6.41 3.07
CA PRO A 22 11.14 -7.85 3.04
C PRO A 22 10.05 -8.26 4.06
N LYS A 23 8.97 -7.43 4.16
CA LYS A 23 7.82 -7.61 5.07
C LYS A 23 6.44 -7.38 4.41
N GLY A 24 6.30 -6.40 3.50
CA GLY A 24 5.09 -6.28 2.67
C GLY A 24 3.77 -6.21 3.43
N VAL A 25 3.80 -5.68 4.65
CA VAL A 25 2.66 -5.61 5.57
C VAL A 25 1.61 -4.59 5.14
N LYS A 26 0.35 -4.79 5.53
CA LYS A 26 -0.79 -3.87 5.33
C LYS A 26 -0.68 -2.60 6.20
N VAL A 27 -1.21 -1.46 5.75
CA VAL A 27 -1.07 -0.13 6.41
C VAL A 27 -2.43 0.56 6.61
N ARG A 28 -2.51 1.45 7.62
CA ARG A 28 -3.64 2.41 7.77
C ARG A 28 -3.19 3.87 7.60
N CYS A 29 -4.11 4.73 7.17
CA CYS A 29 -3.96 6.18 7.13
C CYS A 29 -3.78 6.72 8.56
N LYS A 30 -2.63 7.36 8.80
CA LYS A 30 -2.04 7.73 10.11
C LYS A 30 -2.79 8.81 10.94
N LYS A 31 -3.81 9.43 10.35
CA LYS A 31 -4.66 10.44 11.04
C LYS A 31 -6.16 10.10 10.93
N CYS A 32 -6.45 8.86 10.54
CA CYS A 32 -7.66 8.45 9.86
C CYS A 32 -7.96 6.93 10.07
N GLY A 33 -8.87 6.38 9.27
CA GLY A 33 -9.41 5.02 9.38
C GLY A 33 -9.50 4.20 8.09
N HIS A 34 -9.04 4.67 6.92
CA HIS A 34 -8.96 3.79 5.75
C HIS A 34 -7.75 2.84 5.80
N THR A 35 -7.84 1.70 5.10
CA THR A 35 -6.79 0.66 5.00
C THR A 35 -6.21 0.59 3.58
N ILE A 36 -4.88 0.48 3.44
CA ILE A 36 -4.22 0.46 2.12
C ILE A 36 -3.21 -0.70 1.97
N THR A 37 -3.21 -1.30 0.77
CA THR A 37 -2.24 -2.34 0.34
C THR A 37 -0.91 -1.70 -0.07
N VAL A 38 0.22 -2.31 0.28
CA VAL A 38 1.54 -1.66 0.18
C VAL A 38 2.45 -2.42 -0.81
N ARG A 39 2.58 -1.90 -2.03
CA ARG A 39 3.43 -2.43 -3.13
C ARG A 39 3.98 -1.28 -4.01
N PRO A 40 5.21 -1.36 -4.55
CA PRO A 40 5.91 -0.29 -5.29
C PRO A 40 5.37 0.01 -6.71
N ALA A 41 4.17 -0.44 -7.00
CA ALA A 41 3.45 -0.29 -8.27
C ALA A 41 1.97 -0.06 -8.02
N GLY A 42 1.36 -0.84 -7.11
CA GLY A 42 0.00 -0.60 -6.62
C GLY A 42 -0.78 -1.91 -6.47
N ALA A 43 -1.50 -2.27 -7.53
CA ALA A 43 -2.44 -3.39 -7.55
C ALA A 43 -1.78 -4.77 -7.62
N LEU A 44 -0.70 -4.92 -8.41
CA LEU A 44 0.01 -6.19 -8.52
C LEU A 44 0.86 -6.45 -7.27
N GLU A 45 0.89 -7.69 -6.82
CA GLU A 45 1.96 -8.10 -5.87
C GLU A 45 3.22 -8.68 -6.67
N HIS A 46 4.25 -9.05 -5.91
CA HIS A 46 5.61 -9.14 -6.32
C HIS A 46 6.21 -10.31 -5.45
N HIS A 47 6.61 -11.44 -6.06
CA HIS A 47 7.19 -12.61 -5.28
C HIS A 47 8.28 -13.36 -6.11
N HIS A 48 9.12 -12.61 -6.87
CA HIS A 48 9.91 -13.13 -8.02
C HIS A 48 11.21 -12.39 -8.33
N HIS A 49 12.32 -13.16 -8.49
CA HIS A 49 13.66 -12.63 -8.81
C HIS A 49 13.84 -12.33 -10.30
N HIS A 50 13.76 -11.04 -10.61
CA HIS A 50 13.90 -10.51 -11.95
C HIS A 50 15.38 -10.28 -12.30
N HIS A 51 15.70 -10.37 -13.59
CA HIS A 51 17.05 -10.13 -14.18
C HIS A 51 16.96 -8.97 -15.22
ZN ZN B . -7.30 9.36 5.27
N MET A 1 -9.02 -2.53 -2.23
CA MET A 1 -8.50 -1.82 -3.42
C MET A 1 -6.98 -1.77 -3.35
N ALA A 2 -6.24 -2.03 -4.44
CA ALA A 2 -4.79 -2.37 -4.37
C ALA A 2 -3.76 -1.21 -4.33
N ARG A 3 -4.16 -0.01 -3.85
CA ARG A 3 -3.31 1.19 -3.71
C ARG A 3 -3.51 1.92 -2.37
N PHE A 4 -2.56 2.79 -2.04
CA PHE A 4 -2.71 3.82 -1.00
C PHE A 4 -3.70 4.88 -1.49
N VAL A 5 -4.95 4.83 -1.04
CA VAL A 5 -6.08 5.67 -1.52
C VAL A 5 -7.06 6.07 -0.41
N CYS A 6 -7.42 7.36 -0.40
CA CYS A 6 -8.07 8.01 0.74
C CYS A 6 -9.13 9.04 0.34
N ASP A 7 -10.37 8.67 -0.02
CA ASP A 7 -11.45 9.64 -0.34
C ASP A 7 -11.90 10.55 0.83
N SER A 8 -11.32 10.35 2.04
CA SER A 8 -11.39 11.25 3.23
C SER A 8 -10.15 12.20 3.48
N CYS A 9 -9.10 12.09 2.64
CA CYS A 9 -7.81 12.78 2.75
C CYS A 9 -7.48 13.50 1.43
N ARG A 10 -7.24 12.70 0.38
CA ARG A 10 -6.71 13.12 -0.93
C ARG A 10 -7.08 12.22 -2.15
N ALA A 11 -7.87 11.15 -1.95
CA ALA A 11 -8.17 10.09 -2.94
C ALA A 11 -6.97 9.29 -3.49
N GLN A 12 -5.74 9.83 -3.54
CA GLN A 12 -4.58 9.26 -4.23
C GLN A 12 -3.28 9.40 -3.38
N TYR A 13 -2.58 8.30 -3.11
CA TYR A 13 -1.19 8.33 -2.63
C TYR A 13 -0.33 7.33 -3.42
N MET A 14 0.92 7.23 -2.98
CA MET A 14 1.99 6.41 -3.53
C MET A 14 3.03 6.20 -2.43
N ILE A 15 3.87 5.17 -2.54
CA ILE A 15 4.90 4.82 -1.53
C ILE A 15 6.05 4.00 -2.16
N SER A 16 7.30 4.27 -1.81
CA SER A 16 8.47 3.63 -2.47
C SER A 16 8.68 2.19 -2.03
N ASP A 17 9.22 1.43 -2.98
CA ASP A 17 9.82 0.09 -2.90
C ASP A 17 10.83 -0.17 -1.70
N ASP A 18 11.66 0.80 -1.33
CA ASP A 18 12.49 0.68 -0.14
C ASP A 18 11.66 0.40 1.09
N LYS A 19 10.46 0.99 1.18
CA LYS A 19 9.55 0.91 2.33
C LYS A 19 8.78 -0.43 2.47
N ILE A 20 8.57 -1.18 1.37
CA ILE A 20 8.11 -2.58 1.51
C ILE A 20 9.21 -3.44 2.15
N GLY A 21 10.46 -3.30 1.69
CA GLY A 21 11.55 -4.19 2.08
C GLY A 21 11.16 -5.67 2.01
N PRO A 22 11.73 -6.56 2.87
CA PRO A 22 11.29 -7.94 2.99
C PRO A 22 9.94 -8.11 3.76
N LYS A 23 9.22 -7.01 4.05
CA LYS A 23 8.00 -7.00 4.91
C LYS A 23 6.69 -6.95 4.13
N GLY A 24 6.50 -5.94 3.25
CA GLY A 24 5.39 -5.88 2.28
C GLY A 24 3.95 -5.85 2.86
N VAL A 25 3.81 -5.51 4.14
CA VAL A 25 2.55 -5.55 4.92
C VAL A 25 1.55 -4.44 4.55
N LYS A 26 0.33 -4.53 5.12
CA LYS A 26 -0.73 -3.52 5.04
C LYS A 26 -0.53 -2.40 6.11
N VAL A 27 -1.18 -1.25 5.89
CA VAL A 27 -1.08 -0.02 6.71
C VAL A 27 -2.49 0.54 6.99
N ARG A 28 -2.69 1.19 8.15
CA ARG A 28 -3.80 2.13 8.40
C ARG A 28 -3.29 3.57 8.50
N CYS A 29 -3.93 4.51 7.79
CA CYS A 29 -3.52 5.91 7.59
C CYS A 29 -3.71 6.81 8.83
N LYS A 30 -2.80 7.78 9.00
CA LYS A 30 -2.61 8.54 10.25
C LYS A 30 -3.47 9.81 10.45
N LYS A 31 -4.61 9.92 9.74
CA LYS A 31 -5.74 10.76 10.19
C LYS A 31 -7.10 10.22 9.76
N CYS A 32 -7.16 8.91 9.61
CA CYS A 32 -8.06 8.24 8.69
C CYS A 32 -8.78 7.02 9.30
N GLY A 33 -9.60 6.38 8.47
CA GLY A 33 -10.28 5.11 8.76
C GLY A 33 -9.93 3.96 7.82
N HIS A 34 -9.25 4.21 6.69
CA HIS A 34 -9.03 3.20 5.66
C HIS A 34 -7.76 2.40 5.86
N THR A 35 -7.80 1.17 5.36
CA THR A 35 -6.62 0.27 5.28
C THR A 35 -6.12 0.13 3.86
N ILE A 36 -4.81 0.28 3.67
CA ILE A 36 -4.16 0.24 2.36
C ILE A 36 -3.12 -0.88 2.26
N THR A 37 -2.99 -1.43 1.06
CA THR A 37 -1.95 -2.40 0.67
C THR A 37 -0.71 -1.68 0.16
N VAL A 38 0.48 -2.08 0.64
CA VAL A 38 1.77 -1.47 0.25
C VAL A 38 2.48 -2.35 -0.81
N ARG A 39 2.66 -1.78 -2.02
CA ARG A 39 3.50 -2.26 -3.11
C ARG A 39 4.05 -0.98 -3.82
N PRO A 40 5.27 -1.09 -4.41
CA PRO A 40 5.63 -0.06 -5.47
C PRO A 40 4.77 0.17 -6.73
N ALA A 41 4.36 -0.92 -7.41
CA ALA A 41 3.45 -0.86 -8.54
C ALA A 41 1.96 -0.46 -8.25
N GLY A 42 1.42 -0.88 -7.12
CA GLY A 42 0.02 -0.60 -6.76
C GLY A 42 -1.04 -1.32 -7.57
N ALA A 43 -0.69 -2.48 -8.16
CA ALA A 43 -1.57 -3.32 -8.95
C ALA A 43 -2.41 -4.37 -8.15
N LEU A 44 -1.74 -5.24 -7.40
CA LEU A 44 -2.29 -6.39 -6.68
C LEU A 44 -1.34 -6.78 -5.51
N GLU A 45 -1.85 -7.42 -4.45
CA GLU A 45 -1.02 -8.04 -3.42
C GLU A 45 -0.61 -9.49 -3.77
N HIS A 46 0.69 -9.74 -4.00
CA HIS A 46 1.23 -11.10 -4.07
C HIS A 46 1.58 -11.65 -2.66
N HIS A 47 0.65 -12.34 -1.99
CA HIS A 47 0.87 -12.97 -0.67
C HIS A 47 1.08 -14.49 -0.75
N HIS A 48 2.12 -15.01 -0.11
CA HIS A 48 2.46 -16.44 -0.10
C HIS A 48 1.56 -17.29 0.84
N HIS A 49 0.35 -17.58 0.37
CA HIS A 49 -0.68 -18.30 1.14
C HIS A 49 -1.30 -19.54 0.44
N HIS A 50 -1.52 -19.45 -0.88
CA HIS A 50 -1.87 -20.59 -1.72
C HIS A 50 -0.63 -21.24 -2.32
N HIS A 51 -0.58 -22.58 -2.19
CA HIS A 51 0.51 -23.45 -2.65
C HIS A 51 -0.01 -24.81 -3.11
ZN ZN B . -6.25 8.48 4.60
N MET A 1 -9.30 -0.63 -0.45
CA MET A 1 -8.81 -0.56 -1.86
C MET A 1 -7.37 -1.04 -1.91
N ALA A 2 -6.96 -1.74 -2.99
CA ALA A 2 -5.64 -2.37 -3.12
C ALA A 2 -4.47 -1.40 -3.48
N ARG A 3 -4.64 -0.09 -3.29
CA ARG A 3 -3.59 0.95 -3.43
C ARG A 3 -3.81 2.04 -2.38
N PHE A 4 -2.76 2.80 -2.07
CA PHE A 4 -2.82 3.95 -1.15
C PHE A 4 -3.74 5.06 -1.72
N VAL A 5 -4.98 5.12 -1.23
CA VAL A 5 -6.00 6.11 -1.62
C VAL A 5 -6.92 6.43 -0.43
N CYS A 6 -7.35 7.69 -0.38
CA CYS A 6 -8.06 8.28 0.75
C CYS A 6 -9.17 9.24 0.29
N ASP A 7 -10.38 8.74 -0.05
CA ASP A 7 -11.52 9.59 -0.36
C ASP A 7 -11.94 10.55 0.83
N SER A 8 -11.41 10.33 2.05
CA SER A 8 -11.60 11.28 3.20
C SER A 8 -10.55 12.40 3.31
N CYS A 9 -9.38 12.30 2.62
CA CYS A 9 -8.26 13.22 2.68
C CYS A 9 -8.12 14.08 1.40
N ARG A 10 -7.56 13.48 0.33
CA ARG A 10 -7.30 14.05 -0.99
C ARG A 10 -7.43 12.98 -2.10
N ALA A 11 -7.97 11.80 -1.82
CA ALA A 11 -8.26 10.67 -2.77
C ALA A 11 -7.10 9.99 -3.50
N GLN A 12 -5.81 10.31 -3.25
CA GLN A 12 -4.67 9.65 -3.88
C GLN A 12 -3.43 9.73 -2.97
N TYR A 13 -2.68 8.65 -2.85
CA TYR A 13 -1.32 8.59 -2.30
C TYR A 13 -0.47 7.62 -3.13
N MET A 14 0.80 7.47 -2.74
CA MET A 14 1.85 6.68 -3.40
C MET A 14 2.90 6.24 -2.38
N ILE A 15 3.87 5.42 -2.78
CA ILE A 15 4.92 4.88 -1.91
C ILE A 15 6.27 4.74 -2.68
N SER A 16 7.36 4.88 -1.87
CA SER A 16 8.71 4.35 -2.18
C SER A 16 8.91 2.86 -1.88
N ASP A 17 9.73 2.16 -2.71
CA ASP A 17 9.52 0.65 -2.61
C ASP A 17 10.35 0.24 -1.37
N ASP A 18 11.31 1.04 -0.89
CA ASP A 18 12.08 0.62 0.35
C ASP A 18 11.13 0.36 1.52
N LYS A 19 9.90 1.01 1.51
CA LYS A 19 8.89 0.85 2.53
C LYS A 19 8.16 -0.53 2.61
N ILE A 20 8.19 -1.35 1.54
CA ILE A 20 7.84 -2.78 1.67
C ILE A 20 8.95 -3.58 2.32
N GLY A 21 10.22 -3.27 2.02
CA GLY A 21 11.36 -4.14 2.27
C GLY A 21 11.13 -5.56 1.77
N PRO A 22 11.78 -6.56 2.39
CA PRO A 22 11.45 -7.98 2.19
C PRO A 22 10.19 -8.44 2.93
N LYS A 23 9.43 -7.54 3.60
CA LYS A 23 8.36 -7.91 4.54
C LYS A 23 6.95 -7.65 4.00
N GLY A 24 6.70 -6.54 3.31
CA GLY A 24 5.45 -6.21 2.59
C GLY A 24 4.13 -6.39 3.38
N VAL A 25 3.83 -5.44 4.30
CA VAL A 25 2.71 -5.48 5.27
C VAL A 25 1.78 -4.29 5.14
N LYS A 26 0.55 -4.45 5.63
CA LYS A 26 -0.55 -3.47 5.47
C LYS A 26 -0.44 -2.23 6.37
N VAL A 27 -0.88 -1.08 5.85
CA VAL A 27 -0.84 0.27 6.44
C VAL A 27 -2.27 0.84 6.56
N ARG A 28 -2.47 1.89 7.34
CA ARG A 28 -3.69 2.70 7.41
C ARG A 28 -3.27 4.16 7.36
N CYS A 29 -4.04 5.05 6.75
CA CYS A 29 -3.67 6.46 6.78
C CYS A 29 -3.73 7.04 8.23
N LYS A 30 -2.72 7.86 8.53
CA LYS A 30 -2.30 8.33 9.87
C LYS A 30 -3.35 9.08 10.68
N LYS A 31 -4.44 9.58 10.04
CA LYS A 31 -5.50 10.38 10.65
C LYS A 31 -6.94 9.84 10.38
N CYS A 32 -6.97 8.60 9.93
CA CYS A 32 -8.01 8.09 9.02
C CYS A 32 -8.63 6.77 9.48
N GLY A 33 -9.28 6.09 8.54
CA GLY A 33 -9.81 4.74 8.72
C GLY A 33 -9.64 3.80 7.53
N HIS A 34 -9.10 4.25 6.37
CA HIS A 34 -8.91 3.39 5.21
C HIS A 34 -7.60 2.59 5.34
N THR A 35 -7.70 1.26 5.34
CA THR A 35 -6.56 0.31 5.35
C THR A 35 -6.09 0.01 3.94
N ILE A 36 -4.79 0.26 3.69
CA ILE A 36 -4.15 0.22 2.38
C ILE A 36 -3.03 -0.84 2.31
N THR A 37 -3.01 -1.56 1.19
CA THR A 37 -1.91 -2.47 0.79
C THR A 37 -0.66 -1.69 0.39
N VAL A 38 0.54 -2.33 0.51
CA VAL A 38 1.82 -1.76 0.07
C VAL A 38 2.54 -2.63 -0.99
N ARG A 39 2.89 -1.99 -2.12
CA ARG A 39 3.41 -2.61 -3.35
C ARG A 39 4.27 -1.58 -4.10
N PRO A 40 5.27 -1.99 -4.90
CA PRO A 40 6.14 -1.05 -5.64
C PRO A 40 5.43 -0.36 -6.82
N ALA A 41 4.59 -1.09 -7.56
CA ALA A 41 3.86 -0.60 -8.73
C ALA A 41 2.56 -1.40 -9.05
N GLY A 42 2.47 -2.66 -8.60
CA GLY A 42 1.22 -3.43 -8.68
C GLY A 42 0.16 -2.96 -7.67
N ALA A 43 -0.89 -3.77 -7.51
CA ALA A 43 -1.90 -3.59 -6.45
C ALA A 43 -2.15 -4.86 -5.58
N LEU A 44 -2.24 -6.05 -6.19
CA LEU A 44 -2.35 -7.31 -5.40
C LEU A 44 -1.00 -7.76 -4.76
N GLU A 45 -1.07 -8.19 -3.48
CA GLU A 45 -0.02 -8.77 -2.70
C GLU A 45 0.31 -10.20 -3.09
N HIS A 46 1.52 -10.42 -3.65
CA HIS A 46 2.10 -11.76 -3.79
C HIS A 46 3.63 -11.69 -3.82
N HIS A 47 4.31 -12.84 -3.83
CA HIS A 47 5.77 -12.99 -4.00
C HIS A 47 6.08 -14.27 -4.81
N HIS A 48 5.73 -14.24 -6.10
CA HIS A 48 6.14 -15.26 -7.09
C HIS A 48 7.34 -14.80 -7.91
N HIS A 49 8.49 -14.55 -7.23
CA HIS A 49 9.80 -14.39 -7.90
C HIS A 49 10.97 -14.69 -6.92
N HIS A 50 12.01 -15.37 -7.41
CA HIS A 50 13.24 -15.70 -6.75
C HIS A 50 14.40 -15.42 -7.75
N HIS A 51 15.61 -15.21 -7.22
CA HIS A 51 16.81 -14.88 -8.02
C HIS A 51 17.87 -15.99 -8.20
ZN ZN B . -6.57 9.18 4.70
N MET A 1 -9.22 -2.53 -3.92
CA MET A 1 -8.34 -1.34 -4.00
C MET A 1 -6.89 -1.71 -4.33
N ALA A 2 -6.19 -2.46 -3.49
CA ALA A 2 -4.82 -2.95 -3.75
C ALA A 2 -3.72 -1.88 -3.90
N ARG A 3 -4.04 -0.58 -3.75
CA ARG A 3 -3.14 0.62 -3.76
C ARG A 3 -3.18 1.43 -2.42
N PHE A 4 -2.23 2.35 -2.22
CA PHE A 4 -2.42 3.51 -1.36
C PHE A 4 -3.31 4.50 -2.14
N VAL A 5 -4.42 4.88 -1.51
CA VAL A 5 -5.42 5.91 -1.85
C VAL A 5 -6.27 6.23 -0.61
N CYS A 6 -6.89 7.43 -0.52
CA CYS A 6 -7.85 7.78 0.51
C CYS A 6 -8.80 8.96 0.10
N ASP A 7 -10.05 8.65 -0.22
CA ASP A 7 -11.09 9.62 -0.61
C ASP A 7 -11.37 10.70 0.46
N SER A 8 -11.16 10.36 1.74
CA SER A 8 -11.45 11.23 2.89
C SER A 8 -10.63 12.54 2.86
N CYS A 9 -9.30 12.42 2.80
CA CYS A 9 -8.40 13.49 3.21
C CYS A 9 -7.54 14.03 2.05
N ARG A 10 -7.17 13.18 1.08
CA ARG A 10 -6.17 13.44 0.03
C ARG A 10 -6.57 13.04 -1.40
N ALA A 11 -7.55 12.15 -1.51
CA ALA A 11 -7.95 11.32 -2.69
C ALA A 11 -6.94 10.25 -3.14
N GLN A 12 -5.63 10.57 -3.06
CA GLN A 12 -4.51 9.90 -3.68
C GLN A 12 -3.33 9.80 -2.68
N TYR A 13 -2.49 8.78 -2.83
CA TYR A 13 -1.21 8.63 -2.10
C TYR A 13 -0.29 7.73 -2.91
N MET A 14 0.99 7.70 -2.55
CA MET A 14 2.03 6.91 -3.23
C MET A 14 3.16 6.56 -2.27
N ILE A 15 3.84 5.43 -2.51
CA ILE A 15 4.85 4.85 -1.62
C ILE A 15 5.90 4.04 -2.42
N SER A 16 7.18 4.38 -2.27
CA SER A 16 8.29 3.90 -3.13
C SER A 16 8.64 2.42 -2.98
N ASP A 17 9.47 1.90 -3.89
CA ASP A 17 9.87 0.50 -3.98
C ASP A 17 10.55 -0.06 -2.72
N ASP A 18 11.42 0.71 -2.09
CA ASP A 18 12.07 0.36 -0.80
C ASP A 18 11.09 0.25 0.38
N LYS A 19 9.91 0.88 0.32
CA LYS A 19 9.07 1.15 1.50
C LYS A 19 8.05 0.06 1.89
N ILE A 20 8.00 -1.04 1.14
CA ILE A 20 7.58 -2.34 1.70
C ILE A 20 8.64 -2.92 2.65
N GLY A 21 9.93 -2.61 2.42
CA GLY A 21 11.05 -3.48 2.80
C GLY A 21 10.84 -4.94 2.36
N PRO A 22 11.70 -5.89 2.81
CA PRO A 22 11.41 -7.32 2.71
C PRO A 22 10.32 -7.80 3.70
N LYS A 23 9.26 -7.00 3.94
CA LYS A 23 8.29 -7.16 5.07
C LYS A 23 6.81 -6.98 4.68
N GLY A 24 6.49 -6.05 3.77
CA GLY A 24 5.19 -5.95 3.11
C GLY A 24 3.96 -5.76 3.99
N VAL A 25 4.09 -5.21 5.20
CA VAL A 25 2.95 -5.09 6.14
C VAL A 25 1.84 -4.12 5.70
N LYS A 26 0.58 -4.50 5.93
CA LYS A 26 -0.62 -3.68 5.67
C LYS A 26 -0.66 -2.43 6.56
N VAL A 27 -1.05 -1.30 5.99
CA VAL A 27 -0.99 0.03 6.62
C VAL A 27 -2.39 0.63 6.72
N ARG A 28 -2.57 1.62 7.58
CA ARG A 28 -3.75 2.50 7.61
C ARG A 28 -3.34 3.89 7.16
N CYS A 29 -4.19 4.59 6.39
CA CYS A 29 -4.06 6.05 6.26
C CYS A 29 -4.07 6.72 7.66
N LYS A 30 -3.04 7.54 7.91
CA LYS A 30 -2.53 7.82 9.25
C LYS A 30 -3.45 8.72 10.11
N LYS A 31 -4.52 9.27 9.54
CA LYS A 31 -5.60 10.07 10.22
C LYS A 31 -7.02 9.43 10.21
N CYS A 32 -7.14 8.22 9.63
CA CYS A 32 -8.37 7.80 9.05
C CYS A 32 -8.79 6.43 9.65
N GLY A 33 -9.72 5.77 8.94
CA GLY A 33 -10.08 4.33 9.12
C GLY A 33 -9.63 3.42 7.90
N HIS A 34 -9.16 4.04 6.80
CA HIS A 34 -8.91 3.40 5.53
C HIS A 34 -7.65 2.54 5.64
N THR A 35 -7.77 1.23 5.49
CA THR A 35 -6.61 0.31 5.47
C THR A 35 -6.17 -0.09 4.07
N ILE A 36 -4.90 0.16 3.76
CA ILE A 36 -4.38 0.19 2.40
C ILE A 36 -3.24 -0.82 2.17
N THR A 37 -3.06 -1.20 0.91
CA THR A 37 -2.10 -2.23 0.47
C THR A 37 -0.79 -1.59 -0.02
N VAL A 38 0.32 -1.80 0.71
CA VAL A 38 1.66 -1.35 0.35
C VAL A 38 2.33 -2.36 -0.60
N ARG A 39 2.57 -1.96 -1.85
CA ARG A 39 3.20 -2.77 -2.92
C ARG A 39 3.99 -1.85 -3.87
N PRO A 40 5.19 -2.25 -4.35
CA PRO A 40 6.11 -1.38 -5.09
C PRO A 40 5.54 -0.80 -6.42
N ALA A 41 4.53 -1.47 -6.99
CA ALA A 41 3.79 -1.02 -8.17
C ALA A 41 2.26 -1.31 -8.08
N GLY A 42 1.72 -1.66 -6.91
CA GLY A 42 0.36 -2.16 -6.73
C GLY A 42 0.10 -3.54 -7.34
N ALA A 43 0.66 -3.86 -8.50
CA ALA A 43 0.17 -4.94 -9.37
C ALA A 43 0.41 -6.38 -8.88
N LEU A 44 1.43 -6.56 -8.03
CA LEU A 44 1.88 -7.82 -7.44
C LEU A 44 2.70 -7.54 -6.16
N GLU A 45 3.10 -8.58 -5.44
CA GLU A 45 4.08 -8.55 -4.34
C GLU A 45 5.15 -9.66 -4.44
N HIS A 46 6.22 -9.59 -3.64
CA HIS A 46 7.29 -10.57 -3.51
C HIS A 46 8.04 -10.40 -2.18
N HIS A 47 8.89 -11.37 -1.88
CA HIS A 47 9.75 -11.42 -0.66
C HIS A 47 11.26 -11.54 -1.00
N HIS A 48 11.66 -11.09 -2.20
CA HIS A 48 13.02 -11.24 -2.72
C HIS A 48 13.94 -10.04 -2.33
N HIS A 49 15.21 -10.34 -2.10
CA HIS A 49 16.25 -9.35 -1.63
C HIS A 49 16.99 -8.66 -2.81
N HIS A 50 16.94 -9.28 -4.03
CA HIS A 50 17.75 -9.01 -5.18
C HIS A 50 16.88 -8.78 -6.44
N HIS A 51 17.47 -8.12 -7.44
CA HIS A 51 16.84 -7.71 -8.72
C HIS A 51 17.79 -7.94 -9.86
ZN ZN B . -6.97 9.47 4.83
N MET A 1 -8.44 -2.72 -4.29
CA MET A 1 -7.96 -1.52 -3.56
C MET A 1 -6.49 -1.62 -3.14
N ALA A 2 -5.64 -2.23 -3.99
CA ALA A 2 -4.24 -2.58 -3.69
C ALA A 2 -3.23 -1.42 -3.85
N ARG A 3 -3.63 -0.19 -3.46
CA ARG A 3 -2.81 1.04 -3.53
C ARG A 3 -3.06 1.90 -2.32
N PHE A 4 -2.10 2.75 -2.02
CA PHE A 4 -2.31 3.88 -1.10
C PHE A 4 -3.20 4.92 -1.78
N VAL A 5 -4.45 5.03 -1.31
CA VAL A 5 -5.46 6.04 -1.65
C VAL A 5 -6.43 6.20 -0.46
N CYS A 6 -6.88 7.42 -0.16
CA CYS A 6 -7.85 7.64 0.91
C CYS A 6 -8.88 8.71 0.52
N ASP A 7 -10.09 8.26 0.18
CA ASP A 7 -11.22 9.16 -0.19
C ASP A 7 -11.74 10.05 0.97
N SER A 8 -11.39 9.76 2.24
CA SER A 8 -11.77 10.53 3.43
C SER A 8 -11.17 11.91 3.43
N CYS A 9 -9.97 12.04 2.83
CA CYS A 9 -9.14 13.27 2.84
C CYS A 9 -8.59 13.69 1.42
N ARG A 10 -7.84 12.74 0.80
CA ARG A 10 -6.96 13.02 -0.31
C ARG A 10 -7.51 12.55 -1.65
N ALA A 11 -8.34 11.51 -1.70
CA ALA A 11 -8.63 10.65 -2.86
C ALA A 11 -7.44 9.90 -3.50
N GLN A 12 -6.18 10.27 -3.26
CA GLN A 12 -4.97 9.65 -3.79
C GLN A 12 -3.77 9.62 -2.81
N TYR A 13 -2.90 8.61 -2.91
CA TYR A 13 -1.53 8.61 -2.43
C TYR A 13 -0.65 7.74 -3.39
N MET A 14 0.58 7.45 -2.97
CA MET A 14 1.53 6.51 -3.57
C MET A 14 2.59 6.10 -2.52
N ILE A 15 3.58 5.25 -2.85
CA ILE A 15 4.69 4.85 -1.96
C ILE A 15 5.92 4.51 -2.81
N SER A 16 7.08 4.26 -2.23
CA SER A 16 8.21 3.59 -2.99
C SER A 16 8.24 2.11 -2.49
N ASP A 17 8.91 1.30 -3.30
CA ASP A 17 9.48 0.02 -3.05
C ASP A 17 10.36 -0.20 -1.82
N ASP A 18 11.09 0.80 -1.35
CA ASP A 18 11.87 0.81 -0.12
C ASP A 18 10.99 0.42 1.11
N LYS A 19 9.73 0.85 1.10
CA LYS A 19 8.88 0.94 2.30
C LYS A 19 8.33 -0.37 2.76
N ILE A 20 8.26 -1.40 1.89
CA ILE A 20 7.93 -2.76 2.29
C ILE A 20 9.12 -3.44 3.03
N GLY A 21 10.36 -3.13 2.66
CA GLY A 21 11.52 -4.00 3.03
C GLY A 21 11.23 -5.49 2.83
N PRO A 22 11.76 -6.40 3.67
CA PRO A 22 11.29 -7.79 3.74
C PRO A 22 9.92 -7.95 4.47
N LYS A 23 9.38 -6.89 5.08
CA LYS A 23 8.13 -6.97 5.91
C LYS A 23 6.85 -7.08 5.12
N GLY A 24 6.67 -6.28 4.05
CA GLY A 24 5.52 -6.39 3.13
C GLY A 24 4.10 -6.14 3.70
N VAL A 25 3.99 -5.71 4.95
CA VAL A 25 2.72 -5.53 5.72
C VAL A 25 1.83 -4.39 5.19
N LYS A 26 0.55 -4.40 5.56
CA LYS A 26 -0.40 -3.30 5.29
C LYS A 26 -0.01 -2.00 5.97
N VAL A 27 -0.47 -0.86 5.42
CA VAL A 27 -0.41 0.49 6.02
C VAL A 27 -1.82 1.09 6.19
N ARG A 28 -1.92 2.12 7.02
CA ARG A 28 -3.10 2.97 7.21
C ARG A 28 -2.75 4.41 6.89
N CYS A 29 -3.68 5.15 6.28
CA CYS A 29 -3.65 6.61 6.18
C CYS A 29 -3.50 7.31 7.57
N LYS A 30 -2.41 8.08 7.72
CA LYS A 30 -1.88 8.63 8.99
C LYS A 30 -2.78 9.57 9.79
N LYS A 31 -4.03 9.82 9.38
CA LYS A 31 -5.02 10.65 10.11
C LYS A 31 -6.46 10.11 10.13
N CYS A 32 -6.67 8.98 9.49
CA CYS A 32 -7.97 8.44 9.11
C CYS A 32 -8.21 7.02 9.69
N GLY A 33 -9.26 6.36 9.20
CA GLY A 33 -9.58 4.95 9.45
C GLY A 33 -9.15 3.99 8.33
N HIS A 34 -8.68 4.45 7.16
CA HIS A 34 -8.51 3.60 5.98
C HIS A 34 -7.16 2.84 5.92
N THR A 35 -7.27 1.51 5.82
CA THR A 35 -6.18 0.57 5.50
C THR A 35 -5.98 0.46 3.99
N ILE A 36 -4.73 0.25 3.57
CA ILE A 36 -4.25 0.14 2.18
C ILE A 36 -3.16 -0.93 2.00
N THR A 37 -3.15 -1.63 0.86
CA THR A 37 -2.09 -2.62 0.52
C THR A 37 -0.82 -1.94 -0.01
N VAL A 38 0.36 -2.31 0.52
CA VAL A 38 1.66 -1.75 0.09
C VAL A 38 2.37 -2.65 -0.92
N ARG A 39 2.62 -2.13 -2.12
CA ARG A 39 3.23 -2.86 -3.27
C ARG A 39 4.12 -1.90 -4.10
N PRO A 40 5.19 -2.41 -4.76
CA PRO A 40 6.21 -1.59 -5.42
C PRO A 40 5.73 -0.78 -6.65
N ALA A 41 4.60 -1.16 -7.26
CA ALA A 41 4.05 -0.50 -8.45
C ALA A 41 2.51 -0.36 -8.45
N GLY A 42 1.86 -0.53 -7.28
CA GLY A 42 0.42 -0.35 -7.07
C GLY A 42 -0.56 -1.32 -7.77
N ALA A 43 -0.07 -2.42 -8.36
CA ALA A 43 -0.89 -3.28 -9.23
C ALA A 43 -1.74 -4.31 -8.49
N LEU A 44 -1.12 -5.32 -7.84
CA LEU A 44 -1.77 -6.58 -7.40
C LEU A 44 -1.13 -7.22 -6.14
N GLU A 45 -1.87 -8.13 -5.47
CA GLU A 45 -1.54 -8.64 -4.12
C GLU A 45 -1.65 -10.19 -3.99
N HIS A 46 -0.70 -10.77 -3.25
CA HIS A 46 -0.56 -12.20 -2.98
C HIS A 46 0.23 -12.41 -1.69
N HIS A 47 0.10 -13.61 -1.11
CA HIS A 47 0.71 -14.02 0.17
C HIS A 47 1.42 -15.41 0.04
N HIS A 48 2.74 -15.36 -0.20
CA HIS A 48 3.61 -16.50 -0.59
C HIS A 48 4.87 -16.56 0.28
N HIS A 49 5.53 -17.72 0.32
CA HIS A 49 6.77 -18.01 1.07
C HIS A 49 8.08 -17.94 0.27
N HIS A 50 7.99 -17.66 -1.03
CA HIS A 50 9.10 -17.41 -1.97
C HIS A 50 8.74 -16.21 -2.87
N HIS A 51 9.75 -15.47 -3.38
CA HIS A 51 9.65 -14.11 -3.90
C HIS A 51 10.28 -13.92 -5.30
ZN ZN B . -6.99 9.84 4.77
N MET A 1 -9.05 -3.26 -4.21
CA MET A 1 -8.58 -2.03 -3.53
C MET A 1 -7.05 -1.92 -3.41
N ALA A 2 -6.27 -2.69 -4.18
CA ALA A 2 -4.82 -2.70 -4.04
C ALA A 2 -4.18 -1.48 -4.73
N ARG A 3 -4.06 -0.37 -3.98
CA ARG A 3 -3.41 0.92 -4.28
C ARG A 3 -3.55 1.86 -3.06
N PHE A 4 -2.64 2.82 -2.87
CA PHE A 4 -2.79 3.83 -1.82
C PHE A 4 -3.81 4.91 -2.27
N VAL A 5 -5.02 4.88 -1.70
CA VAL A 5 -6.11 5.84 -1.95
C VAL A 5 -6.78 6.18 -0.63
N CYS A 6 -7.20 7.44 -0.49
CA CYS A 6 -7.51 8.05 0.78
C CYS A 6 -8.76 8.93 0.70
N ASP A 7 -9.93 8.31 0.59
CA ASP A 7 -11.21 9.03 0.38
C ASP A 7 -11.84 9.77 1.63
N SER A 8 -10.97 10.22 2.55
CA SER A 8 -11.33 11.17 3.61
C SER A 8 -10.49 12.42 3.49
N CYS A 9 -9.38 12.34 2.73
CA CYS A 9 -8.15 13.16 2.87
C CYS A 9 -7.68 13.86 1.55
N ARG A 10 -7.35 13.05 0.54
CA ARG A 10 -6.78 13.47 -0.75
C ARG A 10 -7.24 12.56 -1.85
N ALA A 11 -8.00 11.50 -1.59
CA ALA A 11 -8.42 10.43 -2.52
C ALA A 11 -7.30 9.61 -3.21
N GLN A 12 -6.03 10.02 -3.18
CA GLN A 12 -4.95 9.43 -3.98
C GLN A 12 -3.55 9.64 -3.35
N TYR A 13 -2.72 8.60 -3.35
CA TYR A 13 -1.33 8.63 -2.86
C TYR A 13 -0.42 7.70 -3.68
N MET A 14 0.88 7.73 -3.41
CA MET A 14 1.90 6.78 -3.82
C MET A 14 2.82 6.47 -2.63
N ILE A 15 3.71 5.47 -2.73
CA ILE A 15 4.67 5.19 -1.68
C ILE A 15 5.94 4.56 -2.29
N SER A 16 7.09 5.10 -1.89
CA SER A 16 8.44 4.67 -2.33
C SER A 16 8.72 3.21 -1.95
N ASP A 17 9.55 2.50 -2.72
CA ASP A 17 9.69 1.08 -2.61
C ASP A 17 10.33 0.54 -1.31
N ASP A 18 11.39 1.16 -0.79
CA ASP A 18 12.11 0.64 0.42
C ASP A 18 11.27 0.71 1.73
N LYS A 19 10.02 1.21 1.65
CA LYS A 19 8.98 1.10 2.70
C LYS A 19 8.27 -0.29 2.77
N ILE A 20 8.26 -1.10 1.70
CA ILE A 20 7.77 -2.50 1.76
C ILE A 20 8.70 -3.44 2.49
N GLY A 21 10.01 -3.30 2.31
CA GLY A 21 11.04 -4.19 2.86
C GLY A 21 10.83 -5.66 2.44
N PRO A 22 11.52 -6.63 3.05
CA PRO A 22 11.29 -8.06 2.83
C PRO A 22 9.92 -8.53 3.36
N LYS A 23 9.23 -7.73 4.19
CA LYS A 23 8.00 -8.08 4.92
C LYS A 23 6.68 -7.73 4.23
N GLY A 24 6.62 -6.74 3.32
CA GLY A 24 5.48 -6.48 2.44
C GLY A 24 4.14 -6.09 3.11
N VAL A 25 4.19 -5.52 4.32
CA VAL A 25 3.05 -5.23 5.22
C VAL A 25 1.99 -4.27 4.68
N LYS A 26 0.76 -4.36 5.23
CA LYS A 26 -0.35 -3.40 5.06
C LYS A 26 -0.26 -2.18 6.02
N VAL A 27 -0.92 -1.08 5.67
CA VAL A 27 -0.88 0.22 6.39
C VAL A 27 -2.27 0.82 6.56
N ARG A 28 -2.48 1.66 7.58
CA ARG A 28 -3.67 2.51 7.79
C ARG A 28 -3.25 3.98 7.61
N CYS A 29 -3.97 4.80 6.85
CA CYS A 29 -3.71 6.22 6.77
C CYS A 29 -3.69 6.83 8.19
N LYS A 30 -2.64 7.62 8.49
CA LYS A 30 -2.27 7.98 9.87
C LYS A 30 -3.25 8.88 10.64
N LYS A 31 -4.33 9.32 9.96
CA LYS A 31 -5.29 10.36 10.38
C LYS A 31 -6.74 10.13 9.90
N CYS A 32 -7.10 8.85 9.72
CA CYS A 32 -8.21 8.37 8.88
C CYS A 32 -8.94 7.16 9.51
N GLY A 33 -9.59 6.38 8.66
CA GLY A 33 -9.92 4.97 8.88
C GLY A 33 -9.31 4.00 7.83
N HIS A 34 -8.87 4.48 6.67
CA HIS A 34 -8.62 3.65 5.47
C HIS A 34 -7.37 2.76 5.57
N THR A 35 -7.52 1.45 5.36
CA THR A 35 -6.42 0.48 5.23
C THR A 35 -6.07 0.19 3.76
N ILE A 36 -4.76 0.12 3.45
CA ILE A 36 -4.24 0.13 2.07
C ILE A 36 -3.08 -0.86 1.87
N THR A 37 -2.91 -1.33 0.62
CA THR A 37 -1.80 -2.21 0.23
C THR A 37 -0.55 -1.44 -0.13
N VAL A 38 0.54 -1.61 0.62
CA VAL A 38 1.86 -1.04 0.29
C VAL A 38 2.57 -1.90 -0.75
N ARG A 39 2.79 -1.36 -1.97
CA ARG A 39 3.37 -2.14 -3.07
C ARG A 39 4.01 -1.24 -4.13
N PRO A 40 5.24 -1.50 -4.61
CA PRO A 40 5.91 -0.69 -5.66
C PRO A 40 5.22 -0.70 -7.04
N ALA A 41 4.24 -1.60 -7.24
CA ALA A 41 3.35 -1.63 -8.40
C ALA A 41 1.85 -1.80 -8.01
N GLY A 42 1.52 -1.34 -6.81
CA GLY A 42 0.18 -1.17 -6.27
C GLY A 42 -0.73 -2.38 -6.41
N ALA A 43 -1.38 -2.45 -7.59
CA ALA A 43 -2.39 -3.38 -7.95
C ALA A 43 -1.82 -4.72 -8.44
N LEU A 44 -0.54 -4.83 -8.75
CA LEU A 44 0.09 -6.07 -9.37
C LEU A 44 1.46 -6.28 -8.60
N GLU A 45 1.89 -7.51 -8.56
CA GLU A 45 3.09 -8.05 -8.04
C GLU A 45 3.86 -8.87 -9.09
N HIS A 46 4.58 -8.19 -10.00
CA HIS A 46 5.59 -8.75 -10.93
C HIS A 46 6.87 -7.87 -10.91
N HIS A 47 8.02 -8.41 -11.34
CA HIS A 47 9.13 -7.61 -11.85
C HIS A 47 8.76 -7.06 -13.23
N HIS A 48 9.39 -5.96 -13.64
CA HIS A 48 9.29 -5.34 -15.00
C HIS A 48 10.71 -5.01 -15.58
N HIS A 49 10.83 -4.48 -16.80
CA HIS A 49 12.15 -4.20 -17.45
C HIS A 49 13.04 -5.46 -17.65
N HIS A 50 12.51 -6.47 -18.40
CA HIS A 50 13.22 -7.70 -18.78
C HIS A 50 13.78 -7.65 -20.24
N HIS A 51 14.50 -8.71 -20.63
CA HIS A 51 15.29 -8.81 -21.90
C HIS A 51 14.47 -9.11 -23.17
ZN ZN B . -6.79 9.03 4.68
N MET A 1 -9.27 -3.03 -3.36
CA MET A 1 -8.65 -1.76 -3.79
C MET A 1 -7.16 -1.71 -3.42
N ALA A 2 -6.30 -2.43 -4.15
CA ALA A 2 -4.90 -2.68 -3.74
C ALA A 2 -3.89 -1.53 -3.89
N ARG A 3 -4.26 -0.25 -3.61
CA ARG A 3 -3.44 0.99 -3.81
C ARG A 3 -3.58 1.94 -2.61
N PHE A 4 -2.60 2.80 -2.40
CA PHE A 4 -2.66 3.91 -1.39
C PHE A 4 -3.61 4.99 -1.88
N VAL A 5 -4.76 5.10 -1.20
CA VAL A 5 -5.87 6.01 -1.45
C VAL A 5 -6.56 6.42 -0.15
N CYS A 6 -7.17 7.60 -0.18
CA CYS A 6 -7.90 8.24 0.89
C CYS A 6 -9.13 8.96 0.34
N ASP A 7 -10.27 8.27 0.26
CA ASP A 7 -11.56 8.87 -0.15
C ASP A 7 -12.12 9.95 0.86
N SER A 8 -11.31 10.29 1.87
CA SER A 8 -11.59 11.19 2.95
C SER A 8 -10.65 12.39 2.85
N CYS A 9 -9.35 12.16 2.94
CA CYS A 9 -8.25 13.13 2.90
C CYS A 9 -7.85 13.78 1.54
N ARG A 10 -7.68 12.94 0.52
CA ARG A 10 -6.74 13.25 -0.59
C ARG A 10 -6.94 12.48 -1.92
N ALA A 11 -7.86 11.53 -1.98
CA ALA A 11 -8.06 10.59 -3.09
C ALA A 11 -6.86 9.69 -3.46
N GLN A 12 -5.66 10.23 -3.71
CA GLN A 12 -4.52 9.52 -4.32
C GLN A 12 -3.23 9.75 -3.53
N TYR A 13 -2.54 8.64 -3.26
CA TYR A 13 -1.17 8.55 -2.70
C TYR A 13 -0.32 7.54 -3.47
N MET A 14 0.97 7.50 -3.14
CA MET A 14 1.92 6.50 -3.63
C MET A 14 3.08 6.36 -2.61
N ILE A 15 3.89 5.31 -2.71
CA ILE A 15 4.86 4.94 -1.66
C ILE A 15 5.96 4.05 -2.23
N SER A 16 7.18 4.46 -2.02
CA SER A 16 8.42 3.74 -2.59
C SER A 16 8.46 2.33 -2.04
N ASP A 17 9.01 1.45 -2.89
CA ASP A 17 9.56 0.13 -2.54
C ASP A 17 10.54 0.02 -1.32
N ASP A 18 11.33 1.02 -1.11
CA ASP A 18 12.23 1.20 0.03
C ASP A 18 11.47 1.10 1.35
N LYS A 19 10.21 1.52 1.40
CA LYS A 19 9.28 1.32 2.55
C LYS A 19 8.62 -0.05 2.71
N ILE A 20 8.46 -0.89 1.66
CA ILE A 20 7.89 -2.26 1.79
C ILE A 20 8.86 -3.22 2.47
N GLY A 21 10.17 -3.04 2.20
CA GLY A 21 11.22 -3.96 2.60
C GLY A 21 10.95 -5.43 2.23
N PRO A 22 11.55 -6.41 2.95
CA PRO A 22 11.16 -7.82 2.80
C PRO A 22 9.81 -8.18 3.44
N LYS A 23 9.16 -7.20 4.11
CA LYS A 23 8.04 -7.39 5.04
C LYS A 23 6.65 -7.30 4.40
N GLY A 24 6.36 -6.29 3.56
CA GLY A 24 5.07 -6.15 2.87
C GLY A 24 3.82 -6.06 3.78
N VAL A 25 3.83 -5.15 4.76
CA VAL A 25 2.73 -5.01 5.75
C VAL A 25 1.67 -3.99 5.34
N LYS A 26 0.41 -4.36 5.54
CA LYS A 26 -0.81 -3.51 5.36
C LYS A 26 -0.81 -2.26 6.23
N VAL A 27 -0.90 -1.07 5.63
CA VAL A 27 -0.89 0.22 6.33
C VAL A 27 -2.34 0.69 6.66
N ARG A 28 -2.52 1.65 7.56
CA ARG A 28 -3.81 2.28 7.83
C ARG A 28 -3.58 3.78 8.05
N CYS A 29 -4.24 4.64 7.28
CA CYS A 29 -3.91 6.04 7.16
C CYS A 29 -3.63 6.69 8.54
N LYS A 30 -2.47 7.38 8.65
CA LYS A 30 -1.91 7.79 9.94
C LYS A 30 -2.76 8.80 10.75
N LYS A 31 -3.85 9.29 10.12
CA LYS A 31 -4.91 10.12 10.69
C LYS A 31 -6.37 9.74 10.27
N CYS A 32 -6.59 8.72 9.42
CA CYS A 32 -7.92 8.28 8.97
C CYS A 32 -8.11 6.74 8.96
N GLY A 33 -9.25 6.29 8.46
CA GLY A 33 -9.74 4.91 8.55
C GLY A 33 -9.29 3.92 7.44
N HIS A 34 -8.81 4.43 6.28
CA HIS A 34 -8.40 3.60 5.14
C HIS A 34 -7.24 2.68 5.42
N THR A 35 -7.48 1.36 5.34
CA THR A 35 -6.40 0.35 5.24
C THR A 35 -5.92 0.32 3.81
N ILE A 36 -4.62 0.33 3.55
CA ILE A 36 -4.08 0.26 2.17
C ILE A 36 -2.98 -0.81 2.00
N THR A 37 -2.93 -1.41 0.82
CA THR A 37 -1.90 -2.36 0.38
C THR A 37 -0.61 -1.61 0.03
N VAL A 38 0.52 -2.04 0.59
CA VAL A 38 1.84 -1.47 0.31
C VAL A 38 2.60 -2.38 -0.66
N ARG A 39 2.46 -2.10 -1.95
CA ARG A 39 3.12 -2.75 -3.10
C ARG A 39 3.52 -1.63 -4.08
N PRO A 40 4.73 -1.64 -4.69
CA PRO A 40 5.24 -0.47 -5.42
C PRO A 40 4.46 -0.07 -6.69
N ALA A 41 3.61 -0.95 -7.22
CA ALA A 41 2.94 -0.75 -8.53
C ALA A 41 1.42 -1.08 -8.59
N GLY A 42 0.72 -1.32 -7.45
CA GLY A 42 -0.72 -1.53 -7.45
C GLY A 42 -1.31 -2.74 -8.19
N ALA A 43 -0.49 -3.60 -8.77
CA ALA A 43 -0.90 -4.95 -9.26
C ALA A 43 -0.69 -6.01 -8.15
N LEU A 44 -0.79 -7.31 -8.48
CA LEU A 44 -0.88 -8.48 -7.58
C LEU A 44 0.01 -8.42 -6.34
N GLU A 45 -0.49 -9.01 -5.25
CA GLU A 45 0.18 -9.10 -3.93
C GLU A 45 1.46 -9.98 -3.93
N HIS A 46 1.75 -10.77 -4.98
CA HIS A 46 2.95 -11.61 -5.07
C HIS A 46 3.85 -11.23 -6.26
N HIS A 47 5.13 -11.56 -6.14
CA HIS A 47 6.15 -11.48 -7.20
C HIS A 47 7.50 -11.95 -6.58
N HIS A 48 8.47 -12.31 -7.43
CA HIS A 48 9.82 -12.68 -6.99
C HIS A 48 10.86 -11.88 -7.80
N HIS A 49 12.16 -12.10 -7.61
CA HIS A 49 13.24 -11.35 -8.30
C HIS A 49 13.01 -9.81 -8.35
N HIS A 50 12.86 -9.16 -7.18
CA HIS A 50 12.48 -7.73 -6.99
C HIS A 50 13.57 -6.69 -7.32
N HIS A 51 14.64 -7.03 -8.08
CA HIS A 51 15.88 -6.20 -8.20
C HIS A 51 16.46 -5.99 -9.64
ZN ZN B . -6.79 9.03 4.68
N MET A 1 -8.83 -1.13 -5.83
CA MET A 1 -8.52 -2.11 -4.77
C MET A 1 -7.09 -1.94 -4.30
N ALA A 2 -6.08 -2.56 -4.91
CA ALA A 2 -4.69 -2.43 -4.44
C ALA A 2 -4.11 -1.05 -4.81
N ARG A 3 -4.16 -0.08 -3.87
CA ARG A 3 -3.55 1.28 -4.00
C ARG A 3 -3.47 2.04 -2.65
N PHE A 4 -2.50 2.95 -2.47
CA PHE A 4 -2.48 3.86 -1.32
C PHE A 4 -3.39 5.07 -1.60
N VAL A 5 -4.55 5.11 -0.96
CA VAL A 5 -5.56 6.15 -1.18
C VAL A 5 -6.29 6.47 0.11
N CYS A 6 -6.82 7.70 0.12
CA CYS A 6 -7.72 8.21 1.11
C CYS A 6 -8.96 8.80 0.49
N ASP A 7 -10.08 8.04 0.34
CA ASP A 7 -11.34 8.64 -0.26
C ASP A 7 -11.75 9.78 0.73
N SER A 8 -11.32 9.70 2.02
CA SER A 8 -11.63 10.73 3.04
C SER A 8 -10.69 11.91 2.93
N CYS A 9 -9.39 11.73 2.76
CA CYS A 9 -8.40 12.83 2.89
C CYS A 9 -8.00 13.49 1.55
N ARG A 10 -7.65 12.69 0.52
CA ARG A 10 -6.84 13.17 -0.63
C ARG A 10 -7.17 12.61 -2.03
N ALA A 11 -7.91 11.51 -2.11
CA ALA A 11 -8.08 10.58 -3.23
C ALA A 11 -6.77 9.87 -3.71
N GLN A 12 -5.62 10.55 -3.80
CA GLN A 12 -4.36 9.91 -4.22
C GLN A 12 -3.18 10.16 -3.28
N TYR A 13 -2.43 9.09 -3.07
CA TYR A 13 -1.08 8.99 -2.52
C TYR A 13 -0.34 7.89 -3.32
N MET A 14 0.90 7.54 -2.94
CA MET A 14 1.64 6.39 -3.46
C MET A 14 2.61 5.90 -2.36
N ILE A 15 3.58 5.06 -2.71
CA ILE A 15 4.68 4.69 -1.80
C ILE A 15 5.98 4.38 -2.57
N SER A 16 7.12 4.58 -1.90
CA SER A 16 8.46 4.27 -2.40
C SER A 16 8.73 2.77 -2.29
N ASP A 17 9.46 2.20 -3.25
CA ASP A 17 9.85 0.82 -3.31
C ASP A 17 10.51 0.32 -2.03
N ASP A 18 11.42 1.10 -1.46
CA ASP A 18 12.10 0.81 -0.18
C ASP A 18 11.17 0.54 1.04
N LYS A 19 9.96 1.09 1.05
CA LYS A 19 9.16 1.28 2.32
C LYS A 19 8.20 0.13 2.67
N ILE A 20 8.10 -0.91 1.81
CA ILE A 20 7.55 -2.23 2.14
C ILE A 20 8.47 -3.06 3.04
N GLY A 21 9.77 -3.03 2.74
CA GLY A 21 10.73 -4.04 3.14
C GLY A 21 10.40 -5.48 2.67
N PRO A 22 11.25 -6.45 3.01
CA PRO A 22 11.04 -7.87 2.67
C PRO A 22 9.82 -8.51 3.37
N LYS A 23 9.16 -7.77 4.28
CA LYS A 23 7.96 -8.16 5.03
C LYS A 23 6.63 -7.78 4.32
N GLY A 24 6.63 -6.87 3.35
CA GLY A 24 5.49 -6.61 2.48
C GLY A 24 4.17 -6.34 3.20
N VAL A 25 4.14 -5.37 4.11
CA VAL A 25 3.06 -5.22 5.11
C VAL A 25 1.86 -4.40 4.67
N LYS A 26 0.69 -4.65 5.28
CA LYS A 26 -0.47 -3.73 5.23
C LYS A 26 -0.24 -2.48 6.12
N VAL A 27 -0.91 -1.37 5.83
CA VAL A 27 -0.73 -0.05 6.50
C VAL A 27 -2.07 0.66 6.67
N ARG A 28 -2.15 1.62 7.58
CA ARG A 28 -3.28 2.54 7.72
C ARG A 28 -2.84 3.98 7.61
N CYS A 29 -3.68 4.84 7.02
CA CYS A 29 -3.59 6.28 7.20
C CYS A 29 -3.49 6.73 8.69
N LYS A 30 -2.59 7.68 8.94
CA LYS A 30 -2.40 8.29 10.25
C LYS A 30 -3.62 9.08 10.73
N LYS A 31 -4.54 9.45 9.83
CA LYS A 31 -5.64 10.40 10.12
C LYS A 31 -7.05 10.12 9.54
N CYS A 32 -7.25 9.06 8.76
CA CYS A 32 -8.58 8.48 8.60
C CYS A 32 -8.58 6.99 9.05
N GLY A 33 -9.47 6.23 8.42
CA GLY A 33 -9.61 4.79 8.62
C GLY A 33 -8.90 3.95 7.57
N HIS A 34 -8.59 4.46 6.36
CA HIS A 34 -8.26 3.59 5.22
C HIS A 34 -7.00 2.74 5.44
N THR A 35 -7.26 1.45 5.63
CA THR A 35 -6.28 0.36 5.63
C THR A 35 -5.93 -0.05 4.19
N ILE A 36 -4.77 0.42 3.74
CA ILE A 36 -4.26 0.26 2.39
C ILE A 36 -3.23 -0.87 2.27
N THR A 37 -3.06 -1.36 1.04
CA THR A 37 -1.99 -2.29 0.63
C THR A 37 -0.77 -1.52 0.13
N VAL A 38 0.44 -2.03 0.38
CA VAL A 38 1.72 -1.38 0.04
C VAL A 38 2.47 -2.27 -0.96
N ARG A 39 2.97 -1.71 -2.07
CA ARG A 39 3.56 -2.44 -3.22
C ARG A 39 4.33 -1.49 -4.14
N PRO A 40 5.50 -1.86 -4.70
CA PRO A 40 6.30 -0.96 -5.56
C PRO A 40 5.75 -0.66 -6.97
N ALA A 41 5.01 -1.59 -7.59
CA ALA A 41 4.56 -1.48 -8.97
C ALA A 41 3.04 -1.73 -9.19
N GLY A 42 2.22 -1.23 -8.26
CA GLY A 42 0.75 -1.29 -8.34
C GLY A 42 0.15 -2.47 -7.58
N ALA A 43 -0.47 -3.43 -8.27
CA ALA A 43 -1.00 -4.64 -7.63
C ALA A 43 0.04 -5.79 -7.51
N LEU A 44 1.15 -5.74 -8.26
CA LEU A 44 2.15 -6.81 -8.32
C LEU A 44 3.59 -6.26 -8.30
N GLU A 45 4.52 -7.12 -7.90
CA GLU A 45 5.96 -6.80 -7.86
C GLU A 45 6.69 -7.28 -9.11
N HIS A 46 7.17 -6.32 -9.91
CA HIS A 46 8.04 -6.51 -11.09
C HIS A 46 9.48 -6.96 -10.73
N HIS A 47 9.82 -6.97 -9.42
CA HIS A 47 11.12 -7.26 -8.86
C HIS A 47 11.33 -8.73 -8.41
N HIS A 48 10.39 -9.63 -8.69
CA HIS A 48 10.32 -11.01 -8.18
C HIS A 48 11.34 -12.03 -8.79
N HIS A 49 12.57 -11.63 -9.07
CA HIS A 49 13.58 -12.45 -9.72
C HIS A 49 14.49 -13.21 -8.74
N HIS A 50 15.02 -14.37 -9.15
CA HIS A 50 15.98 -15.20 -8.37
C HIS A 50 17.07 -15.85 -9.27
N HIS A 51 18.31 -15.36 -9.17
CA HIS A 51 19.47 -15.82 -9.97
C HIS A 51 19.97 -17.24 -9.67
ZN ZN B . -6.52 9.05 5.11
#